data_7CFO
#
_entry.id   7CFO
#
_cell.length_a   50.757
_cell.length_b   99.432
_cell.length_c   93.598
_cell.angle_alpha   90.00
_cell.angle_beta   98.31
_cell.angle_gamma   90.00
#
_symmetry.space_group_name_H-M   'P 1 21 1'
#
loop_
_entity.id
_entity.type
_entity.pdbx_description
1 polymer 'Retinoic acid receptor RXR-alpha'
2 non-polymer '1-[3-(2-ethoxyethoxy)-5,5,8,8-tetramethyl-6,7-dihydronaphthalen-2-yl]-2-(trifluoromethyl)benzimidazole-5-carboxylic acid'
3 non-polymer GLYCEROL
4 water water
#
_entity_poly.entity_id   1
_entity_poly.type   'polypeptide(L)'
_entity_poly.pdbx_seq_one_letter_code
;GSSHSSANEDMPVERILEAELAVEPKTETYVEANMGLNPSSPNDPVTNICQAADKQLFTLVEWAKRIPHFSELPLDDQVI
LLRAGWNELLIASFSHRSIAVKDGILLATGLHVHRNSAHSAGVGAIFDRVLTELVSKMRDMQMDKTELGCLRAIVLFNPD
SKGLSNPAEVEALREKVYASLEAYCKHKYPEQPGRFAKLLLRLPALRSIGLKCLEHLFFFKLIGDTPIDTFLMEMLEAPH
QMT
;
_entity_poly.pdbx_strand_id   A,B,C,D
#
# COMPACT_ATOMS: atom_id res chain seq x y z
N PRO A 45 2.84 18.87 -23.81
CA PRO A 45 1.69 18.18 -23.18
C PRO A 45 1.69 18.15 -21.63
N VAL A 46 2.90 18.18 -21.03
CA VAL A 46 3.16 17.92 -19.59
C VAL A 46 3.19 19.25 -18.83
N THR A 47 3.68 20.31 -19.49
CA THR A 47 3.73 21.67 -18.90
C THR A 47 2.28 22.14 -18.73
N ASN A 48 1.43 21.83 -19.73
CA ASN A 48 -0.02 22.21 -19.78
C ASN A 48 -0.68 21.68 -18.50
N ILE A 49 -0.29 20.47 -18.13
CA ILE A 49 -0.88 19.64 -17.04
C ILE A 49 -0.43 20.24 -15.70
N CYS A 50 0.85 20.56 -15.53
CA CYS A 50 1.37 21.17 -14.27
C CYS A 50 0.74 22.56 -14.06
N GLN A 51 0.44 23.27 -15.15
CA GLN A 51 -0.20 24.62 -15.11
C GLN A 51 -1.63 24.48 -14.59
N ALA A 52 -2.41 23.56 -15.17
CA ALA A 52 -3.83 23.30 -14.83
C ALA A 52 -3.95 22.85 -13.38
N ALA A 53 -2.97 22.09 -12.85
CA ALA A 53 -2.87 21.73 -11.42
C ALA A 53 -2.67 22.97 -10.54
N ASP A 54 -1.76 23.86 -10.95
CA ASP A 54 -1.53 25.17 -10.28
C ASP A 54 -2.88 25.91 -10.15
N LYS A 55 -3.56 26.10 -11.29
CA LYS A 55 -4.87 26.78 -11.40
C LYS A 55 -5.86 26.11 -10.41
N GLN A 56 -6.03 24.79 -10.54
CA GLN A 56 -6.99 23.98 -9.74
C GLN A 56 -6.64 24.16 -8.27
N LEU A 57 -5.38 24.12 -7.88
CA LEU A 57 -5.01 24.33 -6.46
C LEU A 57 -5.40 25.76 -6.01
N PHE A 58 -5.17 26.78 -6.84
CA PHE A 58 -5.48 28.20 -6.49
C PHE A 58 -6.99 28.34 -6.20
N THR A 59 -7.78 27.83 -7.15
CA THR A 59 -9.26 27.81 -7.09
C THR A 59 -9.71 27.19 -5.77
N LEU A 60 -9.06 26.11 -5.32
CA LEU A 60 -9.41 25.38 -4.08
C LEU A 60 -9.23 26.31 -2.89
N VAL A 61 -8.09 26.99 -2.83
CA VAL A 61 -7.77 27.83 -1.65
C VAL A 61 -8.72 29.03 -1.64
N GLU A 62 -9.03 29.59 -2.81
CA GLU A 62 -9.97 30.75 -2.91
C GLU A 62 -11.34 30.30 -2.40
N TRP A 63 -11.79 29.11 -2.80
CA TRP A 63 -13.07 28.50 -2.35
C TRP A 63 -13.04 28.32 -0.82
N ALA A 64 -11.96 27.77 -0.25
CA ALA A 64 -11.89 27.52 1.20
C ALA A 64 -11.98 28.83 1.99
N LYS A 65 -11.32 29.88 1.52
CA LYS A 65 -11.26 31.18 2.23
C LYS A 65 -12.67 31.78 2.31
N ARG A 66 -13.55 31.42 1.36
CA ARG A 66 -14.94 31.93 1.27
C ARG A 66 -15.91 31.07 2.09
N ILE A 67 -15.46 29.95 2.67
CA ILE A 67 -16.32 29.11 3.55
C ILE A 67 -16.34 29.79 4.92
N PRO A 68 -17.55 30.09 5.45
CA PRO A 68 -17.68 30.75 6.75
C PRO A 68 -16.87 30.10 7.85
N HIS A 69 -16.01 30.89 8.49
CA HIS A 69 -15.26 30.59 9.74
C HIS A 69 -13.95 29.84 9.42
N PHE A 70 -13.75 29.42 8.17
CA PHE A 70 -12.52 28.67 7.79
C PHE A 70 -11.30 29.53 8.13
N SER A 71 -11.34 30.81 7.73
CA SER A 71 -10.22 31.78 7.86
C SER A 71 -9.99 32.17 9.33
N GLU A 72 -10.94 31.90 10.22
CA GLU A 72 -10.82 32.16 11.69
C GLU A 72 -9.98 31.07 12.36
N LEU A 73 -9.89 29.85 11.78
CA LEU A 73 -9.06 28.75 12.34
C LEU A 73 -7.59 29.17 12.33
N PRO A 74 -6.76 28.68 13.27
CA PRO A 74 -5.31 28.85 13.18
C PRO A 74 -4.79 28.46 11.79
N LEU A 75 -3.89 29.26 11.20
CA LEU A 75 -3.33 29.03 9.83
C LEU A 75 -2.78 27.60 9.71
N ASP A 76 -2.12 27.06 10.73
CA ASP A 76 -1.55 25.69 10.70
C ASP A 76 -2.68 24.69 10.42
N ASP A 77 -3.78 24.80 11.16
CA ASP A 77 -4.97 23.94 11.03
C ASP A 77 -5.59 24.09 9.64
N GLN A 78 -5.63 25.31 9.07
CA GLN A 78 -6.18 25.57 7.72
C GLN A 78 -5.37 24.78 6.70
N VAL A 79 -4.04 24.75 6.90
CA VAL A 79 -3.09 24.06 5.98
C VAL A 79 -3.36 22.56 6.10
N ILE A 80 -3.44 22.06 7.33
CA ILE A 80 -3.73 20.63 7.63
C ILE A 80 -5.05 20.26 6.96
N LEU A 81 -6.10 21.06 7.09
CA LEU A 81 -7.43 20.71 6.51
C LEU A 81 -7.32 20.65 5.00
N LEU A 82 -6.58 21.58 4.37
CA LEU A 82 -6.51 21.59 2.88
C LEU A 82 -5.65 20.41 2.37
N ARG A 83 -4.61 20.05 3.10
CA ARG A 83 -3.69 18.92 2.76
C ARG A 83 -4.44 17.61 2.93
N ALA A 84 -5.26 17.47 3.97
CA ALA A 84 -6.05 16.26 4.30
C ALA A 84 -7.22 16.12 3.33
N GLY A 85 -7.69 17.21 2.71
CA GLY A 85 -8.96 17.22 1.98
C GLY A 85 -8.82 17.36 0.48
N TRP A 86 -7.72 17.91 -0.01
CA TRP A 86 -7.64 18.43 -1.40
C TRP A 86 -8.14 17.36 -2.37
N ASN A 87 -7.79 16.10 -2.13
CA ASN A 87 -8.02 14.98 -3.06
C ASN A 87 -9.52 14.71 -3.18
N GLU A 88 -10.20 14.51 -2.04
CA GLU A 88 -11.68 14.28 -2.02
C GLU A 88 -12.41 15.55 -2.53
N LEU A 89 -11.94 16.74 -2.20
CA LEU A 89 -12.58 18.02 -2.66
C LEU A 89 -12.58 18.10 -4.19
N LEU A 90 -11.47 17.76 -4.84
CA LEU A 90 -11.34 17.76 -6.33
C LEU A 90 -12.21 16.67 -6.93
N ILE A 91 -12.20 15.46 -6.35
CA ILE A 91 -12.99 14.33 -6.90
C ILE A 91 -14.47 14.70 -6.83
N ALA A 92 -14.90 15.31 -5.74
CA ALA A 92 -16.31 15.71 -5.58
C ALA A 92 -16.67 16.71 -6.67
N SER A 93 -15.79 17.69 -6.93
CA SER A 93 -16.04 18.74 -7.95
C SER A 93 -16.16 18.10 -9.33
N PHE A 94 -15.18 17.29 -9.76
CA PHE A 94 -15.20 16.79 -11.16
C PHE A 94 -16.31 15.76 -11.29
N SER A 95 -16.64 15.03 -10.22
CA SER A 95 -17.77 14.05 -10.22
C SER A 95 -19.07 14.82 -10.50
N HIS A 96 -19.32 15.93 -9.81
CA HIS A 96 -20.56 16.72 -9.98
C HIS A 96 -20.57 17.35 -11.40
N ARG A 97 -19.45 17.91 -11.83
CA ARG A 97 -19.27 18.45 -13.20
C ARG A 97 -19.66 17.39 -14.25
N SER A 98 -19.40 16.12 -13.99
CA SER A 98 -19.48 15.04 -15.00
C SER A 98 -20.91 14.53 -15.16
N ILE A 99 -21.86 15.04 -14.38
CA ILE A 99 -23.30 14.65 -14.46
C ILE A 99 -23.78 14.73 -15.92
N ALA A 100 -23.34 15.76 -16.65
CA ALA A 100 -23.76 16.08 -18.03
C ALA A 100 -23.32 14.96 -18.99
N VAL A 101 -22.24 14.26 -18.66
CA VAL A 101 -21.50 13.36 -19.59
C VAL A 101 -21.77 11.90 -19.27
N LYS A 102 -21.76 11.02 -20.29
CA LYS A 102 -21.91 9.55 -20.13
C LYS A 102 -20.53 8.86 -20.11
N ASP A 103 -20.21 8.21 -18.99
CA ASP A 103 -19.03 7.31 -18.82
C ASP A 103 -17.70 8.03 -19.07
N GLY A 104 -17.63 9.29 -18.69
CA GLY A 104 -16.37 10.02 -18.59
C GLY A 104 -16.43 11.06 -17.52
N ILE A 105 -15.34 11.78 -17.32
CA ILE A 105 -15.33 12.91 -16.35
C ILE A 105 -14.82 14.14 -17.10
N LEU A 106 -15.40 15.30 -16.78
CA LEU A 106 -14.94 16.64 -17.21
C LEU A 106 -14.05 17.23 -16.12
N LEU A 107 -12.82 17.58 -16.49
CA LEU A 107 -11.82 18.29 -15.63
C LEU A 107 -11.95 19.82 -15.88
N ALA A 108 -11.31 20.66 -15.06
CA ALA A 108 -11.32 22.14 -15.25
C ALA A 108 -10.49 22.81 -14.16
N LEU A 111 -11.90 19.64 -20.58
CA LEU A 111 -11.17 18.38 -20.93
C LEU A 111 -12.03 17.17 -20.53
N HIS A 112 -12.38 16.33 -21.50
CA HIS A 112 -13.14 15.09 -21.33
C HIS A 112 -12.13 13.94 -21.19
N VAL A 113 -12.29 13.09 -20.17
CA VAL A 113 -11.56 11.80 -20.06
C VAL A 113 -12.58 10.68 -20.10
N HIS A 114 -12.46 9.70 -21.01
CA HIS A 114 -13.44 8.60 -21.16
C HIS A 114 -12.91 7.41 -20.39
N ARG A 115 -13.80 6.53 -19.96
CA ARG A 115 -13.37 5.40 -19.09
C ARG A 115 -12.41 4.51 -19.89
N ASN A 116 -12.39 4.58 -21.23
CA ASN A 116 -11.45 3.80 -22.08
C ASN A 116 -10.01 4.17 -21.68
N SER A 117 -9.69 5.45 -21.62
CA SER A 117 -8.36 5.96 -21.18
C SER A 117 -8.02 5.37 -19.81
N ALA A 118 -8.99 5.39 -18.88
CA ALA A 118 -8.79 4.86 -17.52
C ALA A 118 -8.38 3.40 -17.60
N HIS A 119 -9.19 2.59 -18.28
CA HIS A 119 -9.06 1.11 -18.34
C HIS A 119 -7.77 0.74 -19.09
N SER A 120 -7.41 1.49 -20.13
CA SER A 120 -6.17 1.32 -20.92
C SER A 120 -4.94 1.61 -20.03
N ALA A 121 -5.02 2.65 -19.20
CA ALA A 121 -3.93 3.03 -18.27
C ALA A 121 -3.92 2.14 -17.01
N GLY A 122 -4.85 1.20 -16.87
CA GLY A 122 -4.91 0.25 -15.73
C GLY A 122 -5.49 0.85 -14.44
N VAL A 123 -6.26 1.95 -14.51
CA VAL A 123 -7.06 2.45 -13.35
C VAL A 123 -8.55 2.41 -13.68
N GLY A 124 -8.98 1.39 -14.41
CA GLY A 124 -10.34 1.26 -14.94
C GLY A 124 -11.32 1.11 -13.81
N ALA A 125 -11.01 0.22 -12.89
CA ALA A 125 -11.90 -0.15 -11.76
C ALA A 125 -12.17 1.11 -10.92
N ILE A 126 -11.15 1.91 -10.61
CA ILE A 126 -11.28 3.13 -9.77
C ILE A 126 -12.11 4.18 -10.55
N PHE A 127 -11.90 4.27 -11.85
CA PHE A 127 -12.68 5.17 -12.74
C PHE A 127 -14.17 4.79 -12.74
N ASP A 128 -14.47 3.51 -12.88
CA ASP A 128 -15.87 2.98 -12.85
C ASP A 128 -16.46 3.22 -11.45
N ARG A 129 -15.68 3.18 -10.38
CA ARG A 129 -16.18 3.49 -9.01
C ARG A 129 -16.59 4.96 -8.99
N VAL A 130 -15.79 5.87 -9.55
CA VAL A 130 -16.20 7.30 -9.68
C VAL A 130 -17.54 7.41 -10.42
N LEU A 131 -17.68 6.76 -11.59
CA LEU A 131 -18.93 6.85 -12.41
C LEU A 131 -20.14 6.26 -11.67
N THR A 132 -20.03 5.08 -11.07
CA THR A 132 -21.18 4.32 -10.54
C THR A 132 -21.49 4.77 -9.11
N GLU A 133 -20.49 5.15 -8.32
CA GLU A 133 -20.66 5.46 -6.88
C GLU A 133 -20.87 6.96 -6.65
N LEU A 134 -20.30 7.83 -7.48
CA LEU A 134 -20.47 9.29 -7.33
C LEU A 134 -21.30 9.82 -8.49
N VAL A 135 -20.77 9.81 -9.71
CA VAL A 135 -21.40 10.57 -10.84
C VAL A 135 -22.87 10.14 -11.00
N SER A 136 -23.15 8.85 -11.17
CA SER A 136 -24.51 8.40 -11.53
C SER A 136 -25.49 8.64 -10.35
N LYS A 137 -25.01 8.59 -9.11
CA LYS A 137 -25.85 8.83 -7.89
C LYS A 137 -26.12 10.34 -7.78
N MET A 138 -25.14 11.18 -8.08
CA MET A 138 -25.33 12.65 -8.17
C MET A 138 -26.39 12.94 -9.25
N ARG A 139 -26.35 12.21 -10.37
CA ARG A 139 -27.30 12.42 -11.50
C ARG A 139 -28.71 11.97 -11.10
N ASP A 140 -28.85 10.75 -10.57
CA ASP A 140 -30.17 10.14 -10.23
C ASP A 140 -30.92 11.00 -9.21
N MET A 141 -30.24 11.61 -8.24
CA MET A 141 -30.89 12.43 -7.18
C MET A 141 -30.87 13.92 -7.55
N GLN A 142 -30.31 14.29 -8.71
CA GLN A 142 -30.13 15.69 -9.15
C GLN A 142 -29.51 16.52 -8.01
N MET A 143 -28.44 16.03 -7.39
CA MET A 143 -27.66 16.81 -6.40
C MET A 143 -27.40 18.20 -6.98
N ASP A 144 -27.69 19.28 -6.23
CA ASP A 144 -27.53 20.68 -6.72
C ASP A 144 -26.24 21.26 -6.17
N LYS A 145 -25.88 22.45 -6.63
CA LYS A 145 -24.56 23.07 -6.32
C LYS A 145 -24.50 23.46 -4.85
N THR A 146 -25.63 23.80 -4.23
CA THR A 146 -25.65 24.15 -2.78
C THR A 146 -25.28 22.89 -1.99
N GLU A 147 -25.87 21.75 -2.36
CA GLU A 147 -25.66 20.44 -1.70
C GLU A 147 -24.20 20.02 -1.87
N LEU A 148 -23.65 20.13 -3.08
CA LEU A 148 -22.22 19.81 -3.36
C LEU A 148 -21.34 20.72 -2.50
N GLY A 149 -21.60 22.02 -2.53
CA GLY A 149 -20.90 23.00 -1.67
C GLY A 149 -20.85 22.56 -0.21
N CYS A 150 -22.00 22.21 0.38
CA CYS A 150 -22.09 21.77 1.79
C CYS A 150 -21.28 20.47 1.99
N LEU A 151 -21.41 19.50 1.09
CA LEU A 151 -20.65 18.22 1.20
C LEU A 151 -19.14 18.52 1.20
N ARG A 152 -18.68 19.41 0.32
CA ARG A 152 -17.26 19.79 0.22
C ARG A 152 -16.85 20.51 1.51
N ALA A 153 -17.70 21.37 2.05
CA ALA A 153 -17.41 22.09 3.30
C ALA A 153 -17.30 21.08 4.44
N ILE A 154 -18.14 20.06 4.44
CA ILE A 154 -18.07 18.96 5.45
C ILE A 154 -16.71 18.26 5.36
N VAL A 155 -16.31 17.89 4.14
CA VAL A 155 -14.99 17.25 3.87
C VAL A 155 -13.87 18.17 4.36
N LEU A 156 -13.92 19.46 3.99
CA LEU A 156 -12.90 20.45 4.41
C LEU A 156 -12.76 20.43 5.94
N PHE A 157 -13.89 20.57 6.64
CA PHE A 157 -13.93 20.60 8.12
C PHE A 157 -13.89 19.17 8.64
N ASN A 158 -12.78 18.48 8.38
CA ASN A 158 -12.55 17.07 8.79
C ASN A 158 -11.85 17.06 10.15
N PRO A 159 -12.58 16.75 11.25
CA PRO A 159 -11.98 16.83 12.59
C PRO A 159 -11.08 15.64 12.90
N ASP A 160 -11.02 14.65 12.01
CA ASP A 160 -10.12 13.47 12.11
C ASP A 160 -8.71 13.80 11.60
N SER A 161 -8.53 14.89 10.84
CA SER A 161 -7.23 15.25 10.22
C SER A 161 -6.16 15.32 11.33
N LYS A 162 -5.01 14.68 11.08
CA LYS A 162 -3.93 14.45 12.07
C LYS A 162 -3.20 15.77 12.32
N GLY A 163 -2.95 16.07 13.59
CA GLY A 163 -2.17 17.24 14.04
C GLY A 163 -2.98 18.53 14.17
N LEU A 164 -4.30 18.50 14.12
CA LEU A 164 -5.11 19.72 14.38
C LEU A 164 -4.85 20.18 15.82
N SER A 165 -4.63 21.48 16.03
CA SER A 165 -4.49 22.08 17.39
C SER A 165 -5.80 21.96 18.15
N ASN A 166 -6.95 22.11 17.48
CA ASN A 166 -8.27 22.08 18.15
C ASN A 166 -9.30 21.38 17.26
N PRO A 167 -9.30 20.02 17.26
CA PRO A 167 -10.28 19.26 16.50
C PRO A 167 -11.74 19.54 16.90
N ALA A 168 -11.99 19.86 18.17
CA ALA A 168 -13.33 20.22 18.69
C ALA A 168 -13.87 21.45 17.93
N GLU A 169 -13.00 22.42 17.67
CA GLU A 169 -13.35 23.65 16.93
C GLU A 169 -13.73 23.26 15.49
N VAL A 170 -13.04 22.28 14.90
CA VAL A 170 -13.31 21.90 13.48
C VAL A 170 -14.62 21.12 13.46
N GLU A 171 -14.84 20.28 14.47
CA GLU A 171 -16.07 19.46 14.58
C GLU A 171 -17.26 20.40 14.66
N ALA A 172 -17.16 21.46 15.48
CA ALA A 172 -18.24 22.45 15.72
C ALA A 172 -18.56 23.17 14.39
N LEU A 173 -17.55 23.56 13.61
CA LEU A 173 -17.80 24.14 12.26
C LEU A 173 -18.47 23.11 11.33
N ARG A 174 -18.01 21.85 11.34
CA ARG A 174 -18.66 20.77 10.57
C ARG A 174 -20.13 20.70 10.96
N GLU A 175 -20.44 20.63 12.25
CA GLU A 175 -21.85 20.53 12.77
C GLU A 175 -22.69 21.68 12.19
N LYS A 176 -22.18 22.90 12.21
CA LYS A 176 -22.88 24.08 11.67
C LYS A 176 -23.16 23.85 10.18
N VAL A 177 -22.21 23.32 9.42
CA VAL A 177 -22.45 23.07 7.96
C VAL A 177 -23.54 22.02 7.81
N TYR A 178 -23.52 20.90 8.52
CA TYR A 178 -24.49 19.82 8.19
C TYR A 178 -25.88 20.18 8.72
N ALA A 179 -25.98 20.91 9.83
CA ALA A 179 -27.29 21.44 10.33
C ALA A 179 -27.89 22.34 9.22
N SER A 180 -27.05 23.19 8.65
CA SER A 180 -27.42 24.13 7.57
C SER A 180 -27.81 23.33 6.32
N LEU A 181 -27.12 22.23 6.02
CA LEU A 181 -27.46 21.37 4.85
C LEU A 181 -28.81 20.70 5.07
N GLU A 182 -29.02 20.15 6.24
CA GLU A 182 -30.30 19.49 6.60
C GLU A 182 -31.46 20.49 6.46
N ALA A 183 -31.30 21.72 6.98
CA ALA A 183 -32.32 22.79 6.89
C ALA A 183 -32.61 23.05 5.41
N TYR A 184 -31.58 23.14 4.59
CA TYR A 184 -31.72 23.38 3.12
C TYR A 184 -32.51 22.23 2.49
N CYS A 185 -32.14 20.96 2.72
CA CYS A 185 -32.82 19.78 2.12
C CYS A 185 -34.30 19.75 2.53
N LYS A 186 -34.57 20.02 3.80
CA LYS A 186 -35.94 19.95 4.41
C LYS A 186 -36.84 21.02 3.75
N HIS A 187 -36.30 22.20 3.48
CA HIS A 187 -37.07 23.37 2.96
C HIS A 187 -37.17 23.26 1.44
N LYS A 188 -36.09 22.89 0.74
CA LYS A 188 -36.10 22.91 -0.75
C LYS A 188 -36.72 21.61 -1.27
N TYR A 189 -36.57 20.48 -0.58
CA TYR A 189 -37.06 19.16 -1.04
C TYR A 189 -37.84 18.46 0.07
N PRO A 190 -38.93 19.07 0.62
CA PRO A 190 -39.63 18.49 1.77
C PRO A 190 -40.33 17.16 1.47
N GLU A 191 -40.59 16.88 0.18
CA GLU A 191 -41.18 15.61 -0.30
C GLU A 191 -40.13 14.49 -0.32
N GLN A 192 -38.83 14.78 -0.09
CA GLN A 192 -37.76 13.74 -0.02
C GLN A 192 -37.16 13.74 1.37
N PRO A 193 -37.83 13.12 2.38
CA PRO A 193 -37.32 13.12 3.76
C PRO A 193 -35.96 12.41 3.91
N GLY A 194 -35.62 11.48 3.00
CA GLY A 194 -34.34 10.74 2.97
C GLY A 194 -33.19 11.51 2.32
N ARG A 195 -33.39 12.74 1.84
CA ARG A 195 -32.40 13.40 0.94
C ARG A 195 -31.11 13.75 1.70
N PHE A 196 -31.22 14.34 2.90
CA PHE A 196 -30.05 14.72 3.73
C PHE A 196 -29.15 13.50 3.92
N ALA A 197 -29.74 12.40 4.34
CA ALA A 197 -29.03 11.13 4.66
C ALA A 197 -28.34 10.63 3.39
N LYS A 198 -29.05 10.66 2.25
CA LYS A 198 -28.57 10.19 0.93
C LYS A 198 -27.31 10.98 0.57
N LEU A 199 -27.32 12.30 0.78
CA LEU A 199 -26.13 13.16 0.55
C LEU A 199 -24.96 12.71 1.44
N LEU A 200 -25.20 12.56 2.74
CA LEU A 200 -24.10 12.22 3.68
C LEU A 200 -23.57 10.82 3.34
N LEU A 201 -24.42 9.93 2.82
CA LEU A 201 -24.03 8.52 2.57
C LEU A 201 -23.30 8.39 1.22
N ARG A 202 -23.01 9.49 0.53
CA ARG A 202 -22.02 9.46 -0.56
C ARG A 202 -20.62 9.68 0.02
N LEU A 203 -20.47 10.15 1.27
CA LEU A 203 -19.13 10.52 1.79
C LEU A 203 -18.26 9.27 1.97
N PRO A 204 -18.77 8.08 2.36
CA PRO A 204 -17.94 6.88 2.41
C PRO A 204 -17.34 6.50 1.05
N ALA A 205 -18.12 6.54 -0.02
CA ALA A 205 -17.67 6.26 -1.41
C ALA A 205 -16.60 7.30 -1.77
N LEU A 206 -16.79 8.59 -1.47
CA LEU A 206 -15.76 9.65 -1.74
C LEU A 206 -14.46 9.31 -1.00
N ARG A 207 -14.55 8.88 0.27
CA ARG A 207 -13.36 8.55 1.09
C ARG A 207 -12.61 7.36 0.46
N SER A 208 -13.30 6.27 0.08
CA SER A 208 -12.63 5.08 -0.49
C SER A 208 -12.09 5.40 -1.90
N ILE A 209 -12.86 6.10 -2.71
CA ILE A 209 -12.38 6.51 -4.06
C ILE A 209 -11.15 7.43 -3.90
N GLY A 210 -11.18 8.36 -2.94
CA GLY A 210 -10.04 9.26 -2.66
C GLY A 210 -8.79 8.45 -2.35
N LEU A 211 -8.89 7.49 -1.41
CA LEU A 211 -7.74 6.66 -1.01
C LEU A 211 -7.20 5.89 -2.22
N LYS A 212 -8.07 5.24 -2.99
CA LYS A 212 -7.69 4.37 -4.11
C LYS A 212 -7.07 5.22 -5.21
N CYS A 213 -7.53 6.45 -5.39
CA CYS A 213 -6.97 7.38 -6.42
C CYS A 213 -5.50 7.71 -6.07
N LEU A 214 -5.16 7.94 -4.80
CA LEU A 214 -3.76 8.16 -4.37
C LEU A 214 -2.92 6.89 -4.53
N GLU A 215 -3.36 5.78 -3.94
CA GLU A 215 -2.65 4.46 -3.98
C GLU A 215 -2.17 4.14 -5.41
N HIS A 216 -3.09 4.20 -6.39
CA HIS A 216 -2.84 3.74 -7.78
C HIS A 216 -2.42 4.93 -8.65
N LEU A 217 -2.09 6.09 -8.08
CA LEU A 217 -1.61 7.29 -8.81
C LEU A 217 -2.55 7.59 -9.99
N PHE A 218 -3.85 7.61 -9.72
CA PHE A 218 -4.94 7.72 -10.71
C PHE A 218 -4.61 8.82 -11.73
N PHE A 219 -4.17 9.99 -11.26
CA PHE A 219 -4.01 11.18 -12.14
C PHE A 219 -2.76 10.97 -13.01
N PHE A 220 -1.61 10.63 -12.42
CA PHE A 220 -0.36 10.31 -13.17
C PHE A 220 -0.66 9.32 -14.29
N LYS A 221 -1.38 8.24 -13.99
CA LYS A 221 -1.59 7.11 -14.94
C LYS A 221 -2.51 7.54 -16.10
N LEU A 222 -3.45 8.44 -15.82
CA LEU A 222 -4.33 9.05 -16.86
C LEU A 222 -3.54 9.91 -17.87
N ILE A 223 -2.30 10.29 -17.57
CA ILE A 223 -1.34 10.92 -18.54
C ILE A 223 -1.15 9.96 -19.73
N GLY A 224 -1.08 8.65 -19.46
CA GLY A 224 -0.70 7.60 -20.43
C GLY A 224 0.81 7.33 -20.44
N ASP A 225 1.21 6.17 -20.98
CA ASP A 225 2.65 5.80 -21.09
C ASP A 225 3.36 6.63 -22.16
N THR A 226 2.70 7.06 -23.25
CA THR A 226 3.33 7.64 -24.45
C THR A 226 3.94 9.01 -24.14
N PRO A 227 3.20 9.97 -23.54
CA PRO A 227 3.80 11.25 -23.13
C PRO A 227 5.04 11.15 -22.23
N ILE A 228 5.08 10.22 -21.28
CA ILE A 228 6.24 10.04 -20.36
C ILE A 228 7.40 9.42 -21.17
N ASP A 229 7.11 8.41 -22.01
CA ASP A 229 8.13 7.82 -22.91
C ASP A 229 8.68 8.94 -23.82
N THR A 230 7.83 9.83 -24.33
CA THR A 230 8.26 10.94 -25.24
C THR A 230 9.15 11.91 -24.44
N PHE A 231 8.80 12.26 -23.21
CA PHE A 231 9.59 13.14 -22.31
C PHE A 231 10.99 12.56 -22.06
N LEU A 232 11.08 11.25 -21.77
CA LEU A 232 12.39 10.57 -21.58
C LEU A 232 13.18 10.56 -22.89
N MET A 233 12.55 10.23 -24.02
CA MET A 233 13.20 10.20 -25.35
C MET A 233 13.83 11.57 -25.66
N GLU A 234 13.13 12.66 -25.36
CA GLU A 234 13.59 14.06 -25.60
C GLU A 234 14.83 14.30 -24.73
N MET A 235 14.77 13.94 -23.45
CA MET A 235 15.89 14.07 -22.49
C MET A 235 17.11 13.29 -23.00
N LEU A 236 16.88 12.08 -23.52
CA LEU A 236 17.94 11.13 -23.95
C LEU A 236 18.62 11.68 -25.21
N GLU A 237 17.93 12.53 -26.00
CA GLU A 237 18.39 12.98 -27.34
C GLU A 237 18.99 14.39 -27.23
N ALA A 238 19.01 14.99 -26.03
CA ALA A 238 19.69 16.28 -25.74
C ALA A 238 21.19 16.14 -25.97
N PRO A 239 21.93 17.25 -26.29
CA PRO A 239 23.29 17.12 -26.84
C PRO A 239 24.37 16.70 -25.83
N PRO B 12 -38.65 -2.40 12.13
CA PRO B 12 -37.19 -2.35 12.17
C PRO B 12 -36.53 -2.31 13.55
N VAL B 13 -36.46 -1.18 14.29
CA VAL B 13 -35.31 -0.81 15.19
C VAL B 13 -35.16 -1.77 16.37
N GLU B 14 -36.28 -2.27 16.93
CA GLU B 14 -36.33 -3.26 18.05
C GLU B 14 -35.61 -4.55 17.63
N ARG B 15 -35.81 -5.00 16.37
CA ARG B 15 -35.27 -6.26 15.80
C ARG B 15 -33.78 -6.10 15.43
N ILE B 16 -33.32 -4.89 15.10
CA ILE B 16 -31.87 -4.61 14.81
C ILE B 16 -31.08 -4.64 16.13
N LEU B 17 -31.62 -4.04 17.20
CA LEU B 17 -31.14 -4.17 18.62
C LEU B 17 -31.08 -5.65 19.04
N GLU B 18 -32.10 -6.45 18.67
CA GLU B 18 -32.22 -7.89 19.02
C GLU B 18 -31.09 -8.69 18.34
N ALA B 19 -30.77 -8.38 17.08
CA ALA B 19 -29.66 -8.99 16.31
C ALA B 19 -28.32 -8.65 17.00
N GLU B 20 -28.15 -7.39 17.45
CA GLU B 20 -26.91 -6.93 18.13
C GLU B 20 -26.68 -7.74 19.42
N LEU B 21 -27.71 -7.86 20.27
CA LEU B 21 -27.63 -8.45 21.65
C LEU B 21 -27.28 -9.94 21.59
N ALA B 22 -27.92 -10.70 20.70
CA ALA B 22 -27.53 -12.10 20.41
C ALA B 22 -26.12 -12.07 19.80
N PRO B 45 -2.10 -24.63 14.20
CA PRO B 45 -1.43 -23.47 14.82
C PRO B 45 -1.40 -22.19 13.97
N VAL B 46 -1.58 -22.31 12.65
CA VAL B 46 -2.25 -21.32 11.76
C VAL B 46 -3.71 -21.77 11.51
N THR B 47 -4.00 -23.06 11.71
CA THR B 47 -5.38 -23.59 11.75
C THR B 47 -6.11 -22.87 12.88
N ASN B 48 -5.46 -22.61 14.02
CA ASN B 48 -6.20 -22.04 15.19
C ASN B 48 -6.62 -20.61 14.82
N ILE B 49 -5.88 -19.95 13.93
CA ILE B 49 -6.18 -18.56 13.54
C ILE B 49 -7.32 -18.60 12.49
N CYS B 50 -7.32 -19.56 11.57
CA CYS B 50 -8.46 -19.84 10.65
C CYS B 50 -9.74 -20.18 11.40
N GLN B 51 -9.64 -20.87 12.52
CA GLN B 51 -10.78 -21.30 13.37
C GLN B 51 -11.41 -20.06 14.00
N ALA B 52 -10.59 -19.19 14.61
CA ALA B 52 -11.06 -17.95 15.28
C ALA B 52 -11.73 -17.01 14.25
N ALA B 53 -11.19 -16.94 13.04
CA ALA B 53 -11.73 -16.18 11.89
C ALA B 53 -13.07 -16.77 11.45
N ASP B 54 -13.16 -18.10 11.35
CA ASP B 54 -14.39 -18.84 11.05
C ASP B 54 -15.47 -18.40 12.04
N LYS B 55 -15.20 -18.53 13.34
CA LYS B 55 -16.11 -18.15 14.46
C LYS B 55 -16.56 -16.69 14.27
N GLN B 56 -15.58 -15.77 14.16
CA GLN B 56 -15.82 -14.31 14.03
C GLN B 56 -16.70 -14.07 12.80
N LEU B 57 -16.41 -14.71 11.67
CA LEU B 57 -17.23 -14.53 10.44
C LEU B 57 -18.62 -15.08 10.68
N PHE B 58 -18.77 -16.22 11.36
CA PHE B 58 -20.09 -16.88 11.58
C PHE B 58 -20.96 -15.95 12.41
N THR B 59 -20.42 -15.35 13.46
CA THR B 59 -21.12 -14.35 14.31
C THR B 59 -21.73 -13.25 13.43
N LEU B 60 -21.00 -12.76 12.44
CA LEU B 60 -21.47 -11.73 11.46
C LEU B 60 -22.67 -12.28 10.71
N VAL B 61 -22.56 -13.50 10.17
CA VAL B 61 -23.62 -14.10 9.32
C VAL B 61 -24.87 -14.33 10.18
N GLU B 62 -24.72 -14.74 11.44
CA GLU B 62 -25.88 -15.00 12.34
C GLU B 62 -26.58 -13.67 12.57
N TRP B 63 -25.80 -12.61 12.82
CA TRP B 63 -26.34 -11.24 13.00
C TRP B 63 -27.07 -10.79 11.71
N ALA B 64 -26.50 -10.98 10.53
CA ALA B 64 -27.09 -10.53 9.26
C ALA B 64 -28.43 -11.23 9.02
N LYS B 65 -28.52 -12.51 9.32
CA LYS B 65 -29.75 -13.32 9.05
C LYS B 65 -30.89 -12.79 9.91
N ARG B 66 -30.57 -12.13 11.03
CA ARG B 66 -31.57 -11.58 11.99
C ARG B 66 -31.94 -10.14 11.62
N ILE B 67 -31.32 -9.54 10.61
CA ILE B 67 -31.69 -8.17 10.14
C ILE B 67 -32.90 -8.35 9.23
N PRO B 68 -34.02 -7.64 9.51
CA PRO B 68 -35.22 -7.75 8.70
C PRO B 68 -34.95 -7.60 7.19
N HIS B 69 -35.38 -8.62 6.45
CA HIS B 69 -35.51 -8.69 4.97
C HIS B 69 -34.17 -9.12 4.34
N PHE B 70 -33.08 -9.18 5.11
CA PHE B 70 -31.78 -9.65 4.59
C PHE B 70 -31.95 -11.03 3.95
N SER B 71 -32.61 -11.96 4.64
CA SER B 71 -32.77 -13.38 4.22
C SER B 71 -33.73 -13.51 3.02
N GLU B 72 -34.51 -12.48 2.73
CA GLU B 72 -35.43 -12.44 1.56
C GLU B 72 -34.67 -12.08 0.28
N LEU B 73 -33.48 -11.48 0.38
CA LEU B 73 -32.63 -11.18 -0.81
C LEU B 73 -32.20 -12.51 -1.44
N PRO B 74 -31.97 -12.54 -2.78
CA PRO B 74 -31.34 -13.70 -3.40
C PRO B 74 -30.03 -14.07 -2.67
N LEU B 75 -29.80 -15.37 -2.46
CA LEU B 75 -28.62 -15.90 -1.73
C LEU B 75 -27.30 -15.34 -2.30
N ASP B 76 -27.19 -15.20 -3.62
CA ASP B 76 -25.98 -14.65 -4.28
C ASP B 76 -25.70 -13.25 -3.74
N ASP B 77 -26.74 -12.40 -3.71
CA ASP B 77 -26.67 -11.01 -3.21
C ASP B 77 -26.30 -11.00 -1.73
N GLN B 78 -26.81 -11.94 -0.93
CA GLN B 78 -26.50 -12.03 0.52
C GLN B 78 -24.99 -12.27 0.69
N VAL B 79 -24.45 -13.11 -0.18
CA VAL B 79 -23.01 -13.47 -0.16
C VAL B 79 -22.20 -12.22 -0.56
N ILE B 80 -22.61 -11.56 -1.62
CA ILE B 80 -21.96 -10.32 -2.13
C ILE B 80 -21.97 -9.28 -1.00
N LEU B 81 -23.09 -9.08 -0.34
CA LEU B 81 -23.19 -8.06 0.74
C LEU B 81 -22.24 -8.43 1.89
N LEU B 82 -22.12 -9.71 2.25
CA LEU B 82 -21.28 -10.12 3.39
C LEU B 82 -19.80 -9.98 3.00
N ARG B 83 -19.45 -10.30 1.76
CA ARG B 83 -18.06 -10.19 1.23
C ARG B 83 -17.65 -8.71 1.21
N ALA B 84 -18.56 -7.84 0.80
CA ALA B 84 -18.30 -6.39 0.67
C ALA B 84 -18.26 -5.72 2.04
N GLY B 85 -18.89 -6.29 3.07
CA GLY B 85 -19.15 -5.61 4.35
C GLY B 85 -18.37 -6.18 5.52
N TRP B 86 -17.89 -7.42 5.44
CA TRP B 86 -17.51 -8.21 6.65
C TRP B 86 -16.52 -7.40 7.51
N ASN B 87 -15.62 -6.72 6.83
CA ASN B 87 -14.47 -6.02 7.43
C ASN B 87 -14.97 -4.82 8.26
N GLU B 88 -15.76 -3.94 7.64
CA GLU B 88 -16.36 -2.76 8.34
C GLU B 88 -17.31 -3.22 9.47
N LEU B 89 -18.08 -4.29 9.25
CA LEU B 89 -19.03 -4.81 10.26
C LEU B 89 -18.26 -5.29 11.52
N LEU B 90 -17.15 -6.01 11.38
CA LEU B 90 -16.29 -6.45 12.51
C LEU B 90 -15.66 -5.24 13.22
N ILE B 91 -15.12 -4.30 12.46
CA ILE B 91 -14.42 -3.13 13.04
C ILE B 91 -15.43 -2.32 13.85
N ALA B 92 -16.63 -2.15 13.32
CA ALA B 92 -17.66 -1.36 13.99
C ALA B 92 -17.99 -2.05 15.33
N SER B 93 -18.13 -3.36 15.35
CA SER B 93 -18.50 -4.12 16.58
C SER B 93 -17.38 -3.96 17.61
N PHE B 94 -16.13 -4.26 17.27
CA PHE B 94 -15.07 -4.24 18.33
C PHE B 94 -14.80 -2.80 18.75
N SER B 95 -14.97 -1.83 17.83
CA SER B 95 -14.83 -0.39 18.15
C SER B 95 -15.86 -0.01 19.23
N HIS B 96 -17.13 -0.40 19.04
CA HIS B 96 -18.22 -0.05 19.99
C HIS B 96 -17.97 -0.76 21.32
N ARG B 97 -17.63 -2.04 21.27
CA ARG B 97 -17.28 -2.86 22.45
C ARG B 97 -16.18 -2.16 23.27
N SER B 98 -15.26 -1.43 22.63
CA SER B 98 -14.04 -0.93 23.30
C SER B 98 -14.29 0.41 23.99
N ILE B 99 -15.51 0.94 23.92
CA ILE B 99 -15.91 2.23 24.58
C ILE B 99 -15.49 2.20 26.06
N ALA B 100 -15.61 1.05 26.71
CA ALA B 100 -15.30 0.82 28.14
C ALA B 100 -13.84 1.22 28.46
N VAL B 101 -12.95 1.02 27.50
CA VAL B 101 -11.48 1.03 27.71
C VAL B 101 -10.88 2.30 27.09
N LYS B 102 -9.87 2.86 27.76
CA LYS B 102 -9.04 4.00 27.26
C LYS B 102 -7.61 3.45 27.15
N ASP B 103 -7.35 2.68 26.10
CA ASP B 103 -6.04 2.00 25.84
C ASP B 103 -6.09 1.30 24.48
N GLY B 104 -7.02 0.36 24.36
CA GLY B 104 -6.96 -0.78 23.43
C GLY B 104 -8.35 -1.19 22.98
N ILE B 105 -8.48 -2.40 22.45
CA ILE B 105 -9.77 -2.87 21.89
C ILE B 105 -10.10 -4.21 22.53
N LEU B 106 -11.38 -4.45 22.80
CA LEU B 106 -11.94 -5.72 23.31
C LEU B 106 -12.44 -6.54 22.12
N LEU B 107 -11.96 -7.78 21.99
CA LEU B 107 -12.16 -8.68 20.82
C LEU B 107 -13.22 -9.79 21.05
N ALA B 108 -14.41 -9.45 21.54
CA ALA B 108 -15.65 -10.29 21.44
C ALA B 108 -15.76 -11.26 22.62
N THR B 109 -14.73 -12.08 22.82
CA THR B 109 -14.50 -12.96 24.00
C THR B 109 -14.43 -12.12 25.30
N GLY B 110 -14.06 -10.84 25.18
CA GLY B 110 -13.80 -9.91 26.29
C GLY B 110 -12.32 -9.70 26.55
N LEU B 111 -11.45 -10.30 25.71
CA LEU B 111 -9.96 -10.16 25.70
C LEU B 111 -9.59 -8.72 25.30
N HIS B 112 -8.80 -8.04 26.14
CA HIS B 112 -8.22 -6.70 25.92
C HIS B 112 -6.93 -6.86 25.10
N VAL B 113 -6.84 -6.15 23.97
CA VAL B 113 -5.60 -5.97 23.17
C VAL B 113 -5.12 -4.53 23.35
N HIS B 114 -3.91 -4.40 23.88
CA HIS B 114 -3.34 -3.13 24.39
C HIS B 114 -2.61 -2.52 23.22
N ARG B 115 -2.51 -1.21 23.18
CA ARG B 115 -1.90 -0.40 22.09
C ARG B 115 -0.55 -1.03 21.68
N ASN B 116 0.18 -1.44 22.71
CA ASN B 116 1.57 -1.94 22.56
C ASN B 116 1.55 -3.22 21.71
N SER B 117 0.63 -4.17 21.92
CA SER B 117 0.51 -5.41 21.10
C SER B 117 0.29 -5.00 19.64
N ALA B 118 -0.55 -4.00 19.37
CA ALA B 118 -0.84 -3.52 18.01
C ALA B 118 0.45 -3.03 17.36
N HIS B 119 1.17 -2.14 18.05
CA HIS B 119 2.38 -1.46 17.54
C HIS B 119 3.51 -2.50 17.36
N SER B 120 3.63 -3.44 18.30
CA SER B 120 4.59 -4.58 18.27
C SER B 120 4.29 -5.50 17.06
N ALA B 121 3.02 -5.78 16.77
CA ALA B 121 2.58 -6.62 15.64
C ALA B 121 2.57 -5.84 14.32
N GLY B 122 2.98 -4.57 14.34
CA GLY B 122 3.25 -3.78 13.12
C GLY B 122 2.02 -3.07 12.58
N VAL B 123 0.91 -3.01 13.34
CA VAL B 123 -0.32 -2.33 12.88
C VAL B 123 -0.68 -1.19 13.84
N GLY B 124 0.32 -0.52 14.41
CA GLY B 124 0.11 0.52 15.43
C GLY B 124 -0.64 1.71 14.88
N ALA B 125 -0.26 2.18 13.69
CA ALA B 125 -0.86 3.36 13.04
C ALA B 125 -2.36 3.11 12.82
N ILE B 126 -2.73 1.96 12.29
CA ILE B 126 -4.16 1.63 11.97
C ILE B 126 -4.93 1.48 13.31
N PHE B 127 -4.31 0.91 14.33
CA PHE B 127 -4.90 0.74 15.67
C PHE B 127 -5.21 2.11 16.30
N ASP B 128 -4.28 3.07 16.21
CA ASP B 128 -4.49 4.45 16.72
C ASP B 128 -5.63 5.13 15.94
N ARG B 129 -5.78 4.82 14.66
CA ARG B 129 -6.88 5.38 13.83
C ARG B 129 -8.19 4.79 14.36
N VAL B 130 -8.25 3.49 14.65
CA VAL B 130 -9.47 2.88 15.27
C VAL B 130 -9.79 3.61 16.58
N LEU B 131 -8.81 3.84 17.47
CA LEU B 131 -9.08 4.45 18.81
C LEU B 131 -9.53 5.90 18.65
N THR B 132 -8.89 6.70 17.80
CA THR B 132 -9.14 8.16 17.74
C THR B 132 -10.34 8.45 16.83
N GLU B 133 -10.56 7.67 15.76
CA GLU B 133 -11.60 8.02 14.77
C GLU B 133 -12.89 7.25 15.02
N LEU B 134 -12.83 6.08 15.64
CA LEU B 134 -14.04 5.27 15.92
C LEU B 134 -14.28 5.19 17.43
N VAL B 135 -13.40 4.57 18.20
CA VAL B 135 -13.69 4.26 19.63
C VAL B 135 -14.00 5.56 20.38
N SER B 136 -13.12 6.55 20.33
CA SER B 136 -13.25 7.78 21.15
C SER B 136 -14.46 8.59 20.67
N LYS B 137 -14.82 8.56 19.39
CA LYS B 137 -15.97 9.30 18.86
C LYS B 137 -17.27 8.58 19.24
N MET B 138 -17.27 7.25 19.26
CA MET B 138 -18.40 6.46 19.80
C MET B 138 -18.58 6.81 21.29
N ARG B 139 -17.49 7.00 22.01
CA ARG B 139 -17.52 7.31 23.47
C ARG B 139 -18.01 8.74 23.68
N ASP B 140 -17.48 9.73 22.96
CA ASP B 140 -17.85 11.17 23.08
C ASP B 140 -19.35 11.37 22.86
N MET B 141 -19.96 10.65 21.92
CA MET B 141 -21.41 10.80 21.64
C MET B 141 -22.25 9.75 22.39
N GLN B 142 -21.64 8.87 23.16
CA GLN B 142 -22.31 7.72 23.83
C GLN B 142 -23.22 6.99 22.82
N MET B 143 -22.70 6.65 21.64
CA MET B 143 -23.45 5.80 20.66
C MET B 143 -24.02 4.59 21.41
N ASP B 144 -25.30 4.28 21.24
CA ASP B 144 -25.96 3.12 21.93
C ASP B 144 -26.04 1.93 20.98
N LYS B 145 -26.43 0.78 21.48
CA LYS B 145 -26.40 -0.49 20.72
C LYS B 145 -27.44 -0.46 19.59
N THR B 146 -28.55 0.27 19.76
CA THR B 146 -29.55 0.40 18.67
C THR B 146 -28.90 1.16 17.51
N GLU B 147 -28.18 2.23 17.82
CA GLU B 147 -27.53 3.12 16.83
C GLU B 147 -26.44 2.34 16.11
N LEU B 148 -25.61 1.60 16.84
CA LEU B 148 -24.55 0.73 16.24
C LEU B 148 -25.22 -0.29 15.31
N GLY B 149 -26.22 -0.99 15.81
CA GLY B 149 -27.01 -1.95 15.01
C GLY B 149 -27.47 -1.33 13.70
N CYS B 150 -28.07 -0.15 13.72
CA CYS B 150 -28.57 0.54 12.50
C CYS B 150 -27.40 0.89 11.58
N LEU B 151 -26.28 1.40 12.12
CA LEU B 151 -25.10 1.74 11.28
C LEU B 151 -24.61 0.47 10.58
N ARG B 152 -24.55 -0.65 11.30
CA ARG B 152 -24.07 -1.94 10.76
C ARG B 152 -25.06 -2.42 9.70
N ALA B 153 -26.36 -2.26 9.93
CA ALA B 153 -27.39 -2.63 8.95
C ALA B 153 -27.21 -1.80 7.68
N ILE B 154 -26.90 -0.51 7.84
CA ILE B 154 -26.64 0.40 6.68
C ILE B 154 -25.45 -0.15 5.89
N VAL B 155 -24.34 -0.46 6.56
CA VAL B 155 -23.12 -1.03 5.96
C VAL B 155 -23.48 -2.34 5.24
N LEU B 156 -24.22 -3.23 5.89
CA LEU B 156 -24.64 -4.52 5.28
C LEU B 156 -25.37 -4.26 3.96
N PHE B 157 -26.37 -3.39 3.99
CA PHE B 157 -27.22 -3.03 2.83
C PHE B 157 -26.47 -1.99 1.99
N ASN B 158 -25.31 -2.38 1.45
CA ASN B 158 -24.43 -1.50 0.64
C ASN B 158 -24.80 -1.63 -0.84
N PRO B 159 -25.52 -0.66 -1.44
CA PRO B 159 -25.98 -0.80 -2.83
C PRO B 159 -24.88 -0.57 -3.86
N ASP B 160 -23.69 -0.15 -3.42
CA ASP B 160 -22.50 0.03 -4.27
C ASP B 160 -21.77 -1.30 -4.49
N SER B 161 -22.06 -2.34 -3.70
CA SER B 161 -21.37 -3.66 -3.80
C SER B 161 -21.52 -4.18 -5.23
N LYS B 162 -20.42 -4.65 -5.81
CA LYS B 162 -20.34 -5.01 -7.26
C LYS B 162 -21.06 -6.34 -7.48
N GLY B 163 -21.88 -6.42 -8.53
CA GLY B 163 -22.50 -7.67 -9.02
C GLY B 163 -23.82 -8.01 -8.35
N LEU B 164 -24.42 -7.09 -7.58
CA LEU B 164 -25.77 -7.30 -7.00
C LEU B 164 -26.76 -7.51 -8.16
N SER B 165 -27.64 -8.50 -8.07
CA SER B 165 -28.73 -8.75 -9.05
C SER B 165 -29.71 -7.57 -9.04
N ASN B 166 -29.99 -7.00 -7.87
CA ASN B 166 -30.97 -5.89 -7.74
C ASN B 166 -30.48 -4.86 -6.72
N PRO B 167 -29.58 -3.96 -7.14
CA PRO B 167 -29.05 -2.94 -6.23
C PRO B 167 -30.14 -1.99 -5.70
N ALA B 168 -31.19 -1.76 -6.50
CA ALA B 168 -32.36 -0.92 -6.14
C ALA B 168 -33.01 -1.50 -4.88
N GLU B 169 -33.14 -2.82 -4.82
CA GLU B 169 -33.73 -3.56 -3.68
C GLU B 169 -32.85 -3.31 -2.44
N VAL B 170 -31.52 -3.27 -2.60
CA VAL B 170 -30.60 -3.12 -1.45
C VAL B 170 -30.67 -1.67 -0.98
N GLU B 171 -30.78 -0.74 -1.92
CA GLU B 171 -30.85 0.71 -1.63
C GLU B 171 -32.11 0.95 -0.81
N ALA B 172 -33.23 0.35 -1.21
CA ALA B 172 -34.56 0.52 -0.57
C ALA B 172 -34.49 -0.01 0.86
N LEU B 173 -33.85 -1.16 1.11
CA LEU B 173 -33.63 -1.66 2.49
C LEU B 173 -32.73 -0.68 3.28
N ARG B 174 -31.66 -0.16 2.68
CA ARG B 174 -30.79 0.85 3.34
C ARG B 174 -31.64 2.06 3.75
N GLU B 175 -32.45 2.60 2.84
CA GLU B 175 -33.29 3.81 3.10
C GLU B 175 -34.19 3.51 4.33
N LYS B 176 -34.81 2.34 4.37
CA LYS B 176 -35.75 1.97 5.46
C LYS B 176 -34.95 1.94 6.76
N VAL B 177 -33.72 1.42 6.76
CA VAL B 177 -32.90 1.42 8.00
C VAL B 177 -32.63 2.86 8.44
N TYR B 178 -32.19 3.76 7.56
CA TYR B 178 -31.75 5.08 8.07
C TYR B 178 -32.96 5.95 8.44
N ALA B 179 -34.10 5.78 7.77
CA ALA B 179 -35.36 6.49 8.16
C ALA B 179 -35.74 6.06 9.59
N SER B 180 -35.63 4.76 9.84
CA SER B 180 -35.94 4.14 11.14
C SER B 180 -34.94 4.64 12.20
N LEU B 181 -33.66 4.80 11.82
CA LEU B 181 -32.60 5.30 12.74
C LEU B 181 -32.89 6.76 13.08
N GLU B 182 -33.20 7.57 12.07
CA GLU B 182 -33.52 9.00 12.26
C GLU B 182 -34.69 9.13 13.26
N ALA B 183 -35.75 8.37 13.06
CA ALA B 183 -36.96 8.40 13.93
C ALA B 183 -36.54 8.04 15.36
N TYR B 184 -35.69 7.03 15.53
CA TYR B 184 -35.17 6.60 16.85
C TYR B 184 -34.41 7.75 17.52
N CYS B 185 -33.46 8.36 16.82
CA CYS B 185 -32.61 9.44 17.38
C CYS B 185 -33.49 10.63 17.79
N LYS B 186 -34.46 10.99 16.98
CA LYS B 186 -35.33 12.18 17.17
C LYS B 186 -36.20 11.97 18.43
N HIS B 187 -36.68 10.74 18.66
CA HIS B 187 -37.58 10.38 19.78
C HIS B 187 -36.75 10.21 21.05
N LYS B 188 -35.61 9.50 20.99
CA LYS B 188 -34.84 9.16 22.21
C LYS B 188 -33.93 10.32 22.60
N TYR B 189 -33.43 11.12 21.66
CA TYR B 189 -32.47 12.22 21.93
C TYR B 189 -32.92 13.50 21.23
N PRO B 190 -34.15 14.01 21.53
CA PRO B 190 -34.67 15.20 20.83
C PRO B 190 -33.85 16.47 21.09
N GLU B 191 -33.10 16.50 22.19
CA GLU B 191 -32.19 17.64 22.55
C GLU B 191 -30.88 17.60 21.73
N GLN B 192 -30.62 16.55 20.94
CA GLN B 192 -29.42 16.46 20.08
C GLN B 192 -29.87 16.35 18.63
N PRO B 193 -30.32 17.47 17.99
CA PRO B 193 -30.83 17.41 16.61
C PRO B 193 -29.78 16.94 15.58
N GLY B 194 -28.48 17.13 15.88
CA GLY B 194 -27.36 16.75 15.02
C GLY B 194 -26.94 15.29 15.18
N ARG B 195 -27.59 14.51 16.04
CA ARG B 195 -27.12 13.14 16.38
C ARG B 195 -27.19 12.20 15.17
N PHE B 196 -28.27 12.17 14.40
CA PHE B 196 -28.45 11.25 13.26
C PHE B 196 -27.28 11.47 12.28
N ALA B 197 -27.03 12.73 11.93
CA ALA B 197 -25.96 13.14 11.02
C ALA B 197 -24.61 12.66 11.58
N LYS B 198 -24.38 12.88 12.87
CA LYS B 198 -23.12 12.56 13.57
C LYS B 198 -22.87 11.06 13.48
N LEU B 199 -23.91 10.22 13.64
CA LEU B 199 -23.81 8.76 13.47
C LEU B 199 -23.36 8.46 12.01
N LEU B 200 -24.04 9.03 11.01
CA LEU B 200 -23.75 8.72 9.60
C LEU B 200 -22.32 9.17 9.29
N LEU B 201 -21.84 10.21 9.95
CA LEU B 201 -20.53 10.83 9.64
C LEU B 201 -19.40 10.06 10.31
N ARG B 202 -19.66 8.96 10.99
CA ARG B 202 -18.61 7.99 11.35
C ARG B 202 -18.38 6.99 10.21
N LEU B 203 -19.28 6.89 9.23
CA LEU B 203 -19.16 5.86 8.17
C LEU B 203 -17.96 6.12 7.25
N PRO B 204 -17.54 7.36 6.94
CA PRO B 204 -16.32 7.57 6.16
C PRO B 204 -15.07 7.04 6.88
N ALA B 205 -14.93 7.30 8.20
CA ALA B 205 -13.80 6.76 9.00
C ALA B 205 -13.84 5.23 8.95
N LEU B 206 -15.01 4.61 9.12
CA LEU B 206 -15.16 3.13 9.02
C LEU B 206 -14.66 2.62 7.65
N ARG B 207 -15.04 3.31 6.57
CA ARG B 207 -14.64 2.91 5.18
C ARG B 207 -13.11 2.98 5.04
N SER B 208 -12.45 4.08 5.44
CA SER B 208 -10.98 4.22 5.28
C SER B 208 -10.25 3.28 6.25
N ILE B 209 -10.71 3.16 7.48
CA ILE B 209 -10.07 2.22 8.43
C ILE B 209 -10.25 0.77 7.93
N GLY B 210 -11.40 0.45 7.37
CA GLY B 210 -11.65 -0.85 6.72
C GLY B 210 -10.63 -1.11 5.64
N LEU B 211 -10.42 -0.19 4.70
CA LEU B 211 -9.46 -0.39 3.59
C LEU B 211 -8.05 -0.62 4.16
N LYS B 212 -7.63 0.20 5.13
CA LYS B 212 -6.27 0.14 5.72
C LYS B 212 -6.11 -1.19 6.48
N CYS B 213 -7.18 -1.68 7.11
CA CYS B 213 -7.15 -2.98 7.82
C CYS B 213 -6.86 -4.13 6.84
N LEU B 214 -7.43 -4.14 5.65
CA LEU B 214 -7.14 -5.17 4.60
C LEU B 214 -5.69 -5.04 4.11
N GLU B 215 -5.29 -3.85 3.65
CA GLU B 215 -3.90 -3.55 3.21
C GLU B 215 -2.88 -4.14 4.18
N HIS B 216 -3.00 -3.86 5.49
CA HIS B 216 -1.99 -4.22 6.52
C HIS B 216 -2.31 -5.58 7.16
N LEU B 217 -3.30 -6.33 6.64
CA LEU B 217 -3.71 -7.67 7.18
C LEU B 217 -3.97 -7.58 8.69
N PHE B 218 -4.70 -6.54 9.10
CA PHE B 218 -4.90 -6.16 10.51
C PHE B 218 -5.38 -7.39 11.29
N PHE B 219 -6.32 -8.13 10.75
CA PHE B 219 -7.02 -9.26 11.42
C PHE B 219 -6.03 -10.42 11.60
N PHE B 220 -5.40 -10.88 10.50
CA PHE B 220 -4.36 -11.93 10.51
C PHE B 220 -3.34 -11.61 11.61
N LYS B 221 -2.83 -10.39 11.66
CA LYS B 221 -1.66 -10.04 12.49
C LYS B 221 -2.06 -9.99 13.96
N LEU B 222 -3.29 -9.56 14.28
CA LEU B 222 -3.62 -9.28 15.71
C LEU B 222 -4.13 -10.57 16.35
N ILE B 223 -4.90 -11.36 15.60
CA ILE B 223 -5.35 -12.70 16.04
C ILE B 223 -4.10 -13.60 16.08
N GLY B 224 -3.16 -13.40 15.15
CA GLY B 224 -2.17 -14.40 14.72
C GLY B 224 -0.77 -14.19 15.31
N ASP B 225 -0.46 -13.10 16.00
CA ASP B 225 0.95 -12.71 16.28
C ASP B 225 1.57 -13.69 17.29
N THR B 226 0.93 -13.82 18.44
CA THR B 226 1.35 -14.68 19.59
C THR B 226 1.22 -16.16 19.21
N PRO B 227 0.07 -16.66 18.68
CA PRO B 227 -0.05 -18.03 18.19
C PRO B 227 1.06 -18.50 17.24
N ILE B 228 1.53 -17.66 16.32
CA ILE B 228 2.66 -18.05 15.43
C ILE B 228 3.94 -18.00 16.25
N ASP B 229 4.20 -16.91 16.96
CA ASP B 229 5.50 -16.72 17.67
C ASP B 229 5.70 -17.87 18.66
N THR B 230 4.68 -18.19 19.45
CA THR B 230 4.79 -19.24 20.51
C THR B 230 4.97 -20.59 19.81
N PHE B 231 4.21 -20.88 18.74
CA PHE B 231 4.33 -22.14 17.94
C PHE B 231 5.75 -22.35 17.42
N LEU B 232 6.33 -21.29 16.82
CA LEU B 232 7.71 -21.32 16.26
C LEU B 232 8.70 -21.54 17.39
N MET B 233 8.59 -20.79 18.49
CA MET B 233 9.52 -20.88 19.64
C MET B 233 9.55 -22.32 20.18
N GLU B 234 8.39 -22.95 20.30
CA GLU B 234 8.26 -24.33 20.85
C GLU B 234 8.96 -25.32 19.89
N MET B 235 8.68 -25.19 18.59
CA MET B 235 9.25 -26.10 17.57
C MET B 235 10.76 -25.89 17.51
N LEU B 236 11.22 -24.64 17.67
CA LEU B 236 12.64 -24.26 17.57
C LEU B 236 13.42 -24.83 18.78
N GLU B 237 12.75 -25.09 19.90
CA GLU B 237 13.43 -25.43 21.19
C GLU B 237 13.94 -26.88 21.28
N ALA B 238 13.38 -27.88 20.59
CA ALA B 238 13.92 -29.27 20.60
C ALA B 238 14.68 -29.51 19.29
N PRO B 239 16.00 -29.83 19.33
CA PRO B 239 16.77 -30.12 18.11
C PRO B 239 16.25 -31.28 17.23
N PRO C 12 34.60 -1.05 -17.74
CA PRO C 12 35.59 0.07 -17.63
C PRO C 12 35.33 1.00 -16.42
N VAL C 13 35.90 0.63 -15.27
CA VAL C 13 35.57 1.12 -13.89
C VAL C 13 35.91 2.61 -13.74
N GLU C 14 36.98 3.09 -14.40
CA GLU C 14 37.39 4.53 -14.45
C GLU C 14 36.25 5.38 -15.03
N ARG C 15 35.53 4.88 -16.05
CA ARG C 15 34.45 5.60 -16.79
C ARG C 15 33.13 5.61 -15.98
N ILE C 16 32.88 4.59 -15.17
CA ILE C 16 31.68 4.52 -14.27
C ILE C 16 31.88 5.52 -13.12
N LEU C 17 33.08 5.61 -12.53
CA LEU C 17 33.51 6.64 -11.53
C LEU C 17 33.34 8.04 -12.13
N GLU C 18 33.71 8.22 -13.41
CA GLU C 18 33.65 9.52 -14.14
C GLU C 18 32.18 9.96 -14.25
N ALA C 19 31.26 9.04 -14.58
CA ALA C 19 29.81 9.29 -14.64
C ALA C 19 29.29 9.72 -13.25
N GLU C 20 29.73 9.06 -12.17
CA GLU C 20 29.32 9.36 -10.77
C GLU C 20 29.72 10.80 -10.41
N LEU C 21 30.98 11.19 -10.67
CA LEU C 21 31.59 12.48 -10.24
C LEU C 21 30.90 13.67 -10.93
N ALA C 22 30.61 13.58 -12.24
CA ALA C 22 30.02 14.67 -13.04
C ALA C 22 28.61 15.04 -12.53
N VAL C 23 28.10 14.37 -11.50
CA VAL C 23 26.63 14.35 -11.21
C VAL C 23 26.35 14.70 -9.74
N GLU C 24 27.33 14.62 -8.82
CA GLU C 24 27.18 15.03 -7.38
C GLU C 24 26.78 16.51 -7.30
N PRO C 45 3.50 28.00 -6.78
CA PRO C 45 2.95 26.99 -7.73
C PRO C 45 3.36 25.53 -7.45
N VAL C 46 2.70 24.56 -8.13
CA VAL C 46 3.06 23.10 -8.20
C VAL C 46 3.77 22.78 -9.51
N THR C 47 3.91 23.75 -10.42
CA THR C 47 4.90 23.69 -11.53
C THR C 47 6.28 23.57 -10.89
N ASN C 48 6.53 24.17 -9.72
CA ASN C 48 7.83 24.07 -9.00
C ASN C 48 8.20 22.60 -8.78
N ILE C 49 7.19 21.77 -8.51
CA ILE C 49 7.35 20.33 -8.17
C ILE C 49 7.70 19.58 -9.46
N CYS C 50 6.97 19.81 -10.55
CA CYS C 50 7.26 19.28 -11.89
C CYS C 50 8.68 19.63 -12.36
N GLN C 51 9.15 20.83 -12.03
CA GLN C 51 10.48 21.37 -12.43
C GLN C 51 11.55 20.57 -11.70
N ALA C 52 11.42 20.43 -10.37
CA ALA C 52 12.40 19.74 -9.50
C ALA C 52 12.52 18.26 -9.90
N ALA C 53 11.38 17.64 -10.24
CA ALA C 53 11.30 16.26 -10.77
C ALA C 53 12.02 16.13 -12.12
N ASP C 54 11.77 17.10 -13.01
CA ASP C 54 12.41 17.22 -14.34
C ASP C 54 13.93 17.18 -14.12
N LYS C 55 14.46 18.10 -13.30
CA LYS C 55 15.90 18.26 -12.99
C LYS C 55 16.44 16.91 -12.49
N GLN C 56 15.79 16.36 -11.44
CA GLN C 56 16.21 15.09 -10.79
C GLN C 56 16.27 13.98 -11.86
N LEU C 57 15.22 13.86 -12.68
CA LEU C 57 15.20 12.83 -13.75
C LEU C 57 16.35 13.08 -14.77
N PHE C 58 16.58 14.33 -15.15
CA PHE C 58 17.60 14.68 -16.18
C PHE C 58 18.98 14.27 -15.68
N THR C 59 19.30 14.55 -14.42
CA THR C 59 20.59 14.16 -13.81
C THR C 59 20.83 12.65 -13.98
N LEU C 60 19.78 11.85 -13.81
CA LEU C 60 19.82 10.36 -14.02
C LEU C 60 20.17 10.07 -15.47
N VAL C 61 19.50 10.74 -16.41
CA VAL C 61 19.69 10.47 -17.85
C VAL C 61 21.12 10.87 -18.26
N GLU C 62 21.64 11.98 -17.74
CA GLU C 62 23.01 12.47 -18.08
C GLU C 62 24.00 11.41 -17.59
N TRP C 63 23.80 10.91 -16.37
CA TRP C 63 24.67 9.86 -15.78
C TRP C 63 24.59 8.58 -16.65
N ALA C 64 23.40 8.15 -17.03
CA ALA C 64 23.21 6.90 -17.80
C ALA C 64 23.92 6.98 -19.16
N LYS C 65 23.86 8.14 -19.81
CA LYS C 65 24.45 8.32 -21.17
C LYS C 65 25.98 8.19 -21.07
N ARG C 66 26.56 8.45 -19.90
CA ARG C 66 28.01 8.38 -19.63
C ARG C 66 28.44 6.96 -19.22
N ILE C 67 27.50 6.02 -19.03
CA ILE C 67 27.84 4.61 -18.72
C ILE C 67 28.15 3.95 -20.06
N PRO C 68 29.35 3.32 -20.19
CA PRO C 68 29.71 2.64 -21.42
C PRO C 68 28.64 1.69 -21.95
N HIS C 69 28.24 1.93 -23.22
CA HIS C 69 27.41 1.05 -24.07
C HIS C 69 25.91 1.29 -23.82
N PHE C 70 25.55 2.07 -22.80
CA PHE C 70 24.12 2.38 -22.54
C PHE C 70 23.50 3.01 -23.79
N SER C 71 24.19 3.98 -24.40
CA SER C 71 23.69 4.80 -25.54
C SER C 71 23.65 3.96 -26.82
N GLU C 72 24.32 2.82 -26.85
CA GLU C 72 24.31 1.88 -28.01
C GLU C 72 23.03 1.02 -28.01
N LEU C 73 22.35 0.88 -26.87
CA LEU C 73 21.06 0.11 -26.78
C LEU C 73 20.01 0.83 -27.61
N PRO C 74 19.02 0.13 -28.21
CA PRO C 74 17.88 0.80 -28.84
C PRO C 74 17.25 1.81 -27.86
N LEU C 75 16.88 2.98 -28.36
CA LEU C 75 16.29 4.08 -27.55
C LEU C 75 15.07 3.59 -26.73
N ASP C 76 14.22 2.71 -27.28
CA ASP C 76 13.04 2.14 -26.56
C ASP C 76 13.54 1.50 -25.25
N ASP C 77 14.55 0.63 -25.38
CA ASP C 77 15.15 -0.14 -24.27
C ASP C 77 15.76 0.81 -23.26
N GLN C 78 16.42 1.90 -23.70
CA GLN C 78 17.04 2.91 -22.81
C GLN C 78 15.94 3.55 -21.95
N VAL C 79 14.78 3.80 -22.56
CA VAL C 79 13.61 4.44 -21.89
C VAL C 79 13.10 3.44 -20.85
N ILE C 80 12.92 2.19 -21.26
CA ILE C 80 12.46 1.09 -20.36
C ILE C 80 13.41 1.00 -19.17
N LEU C 81 14.72 0.98 -19.41
CA LEU C 81 15.71 0.84 -18.32
C LEU C 81 15.61 2.03 -17.37
N LEU C 82 15.42 3.25 -17.87
CA LEU C 82 15.39 4.43 -16.97
C LEU C 82 14.06 4.44 -16.18
N ARG C 83 12.96 4.01 -16.78
CA ARG C 83 11.63 3.93 -16.11
C ARG C 83 11.65 2.86 -15.03
N ALA C 84 12.33 1.73 -15.27
CA ALA C 84 12.45 0.60 -14.31
C ALA C 84 13.42 0.99 -13.18
N GLY C 85 14.37 1.90 -13.40
CA GLY C 85 15.53 2.06 -12.50
C GLY C 85 15.56 3.37 -11.75
N TRP C 86 14.85 4.39 -12.21
CA TRP C 86 15.10 5.81 -11.80
C TRP C 86 15.09 5.92 -10.26
N ASN C 87 14.17 5.21 -9.67
CA ASN C 87 13.84 5.25 -8.25
C ASN C 87 15.02 4.70 -7.42
N GLU C 88 15.47 3.47 -7.73
CA GLU C 88 16.62 2.83 -7.03
C GLU C 88 17.91 3.64 -7.29
N LEU C 89 18.08 4.18 -8.51
CA LEU C 89 19.28 4.97 -8.86
C LEU C 89 19.39 6.23 -7.98
N LEU C 90 18.28 6.97 -7.79
CA LEU C 90 18.23 8.16 -6.89
C LEU C 90 18.49 7.76 -5.45
N ILE C 91 17.84 6.69 -4.98
CA ILE C 91 17.96 6.30 -3.56
C ILE C 91 19.41 5.91 -3.28
N ALA C 92 20.04 5.19 -4.21
CA ALA C 92 21.43 4.74 -4.02
C ALA C 92 22.32 5.97 -3.89
N SER C 93 22.10 6.99 -4.75
CA SER C 93 22.95 8.22 -4.74
C SER C 93 22.76 8.94 -3.40
N PHE C 94 21.54 9.25 -2.98
CA PHE C 94 21.39 10.09 -1.77
C PHE C 94 21.80 9.30 -0.53
N SER C 95 21.63 7.98 -0.55
CA SER C 95 22.06 7.08 0.55
C SER C 95 23.60 7.21 0.72
N HIS C 96 24.35 7.12 -0.38
CA HIS C 96 25.83 7.20 -0.35
C HIS C 96 26.25 8.60 0.10
N ARG C 97 25.63 9.63 -0.48
CA ARG C 97 25.86 11.05 -0.09
C ARG C 97 25.67 11.23 1.43
N SER C 98 24.79 10.49 2.06
CA SER C 98 24.38 10.72 3.47
C SER C 98 25.37 10.08 4.46
N ILE C 99 26.40 9.38 3.97
CA ILE C 99 27.44 8.73 4.81
C ILE C 99 28.04 9.76 5.77
N ALA C 100 28.26 10.98 5.28
CA ALA C 100 28.87 12.13 6.01
C ALA C 100 28.05 12.47 7.27
N VAL C 101 26.74 12.27 7.22
CA VAL C 101 25.74 12.89 8.14
C VAL C 101 25.21 11.85 9.13
N LYS C 102 24.82 12.32 10.33
CA LYS C 102 24.15 11.52 11.39
C LYS C 102 22.62 11.75 11.36
N ASP C 103 21.86 10.67 11.21
CA ASP C 103 20.39 10.60 11.41
C ASP C 103 19.65 11.52 10.44
N GLY C 104 20.15 11.71 9.22
CA GLY C 104 19.34 12.28 8.14
C GLY C 104 19.84 11.88 6.78
N ILE C 105 19.21 12.39 5.72
CA ILE C 105 19.73 12.16 4.35
C ILE C 105 19.90 13.52 3.68
N LEU C 106 20.93 13.67 2.86
CA LEU C 106 21.18 14.82 1.97
C LEU C 106 20.55 14.55 0.61
N LEU C 107 19.64 15.43 0.16
CA LEU C 107 18.95 15.34 -1.15
C LEU C 107 19.63 16.26 -2.18
N ALA C 108 19.14 16.31 -3.42
CA ALA C 108 19.47 17.36 -4.40
C ALA C 108 18.97 18.70 -3.84
N THR C 109 19.54 19.79 -4.33
CA THR C 109 19.35 21.18 -3.80
C THR C 109 19.99 21.25 -2.40
N GLY C 110 20.92 20.31 -2.06
CA GLY C 110 21.91 20.37 -0.94
C GLY C 110 21.34 20.07 0.44
N LEU C 111 20.01 19.93 0.52
CA LEU C 111 19.16 20.00 1.72
C LEU C 111 19.37 18.77 2.61
N HIS C 112 19.68 18.99 3.88
CA HIS C 112 19.67 17.97 4.96
C HIS C 112 18.25 17.75 5.48
N VAL C 113 17.76 16.51 5.48
CA VAL C 113 16.39 16.14 6.00
C VAL C 113 16.58 15.19 7.17
N HIS C 114 16.03 15.52 8.33
CA HIS C 114 16.19 14.74 9.59
C HIS C 114 14.94 13.89 9.85
N ARG C 115 13.77 14.52 9.75
CA ARG C 115 12.45 14.16 10.35
C ARG C 115 11.60 15.44 10.42
N ASN C 116 11.75 16.32 9.41
CA ASN C 116 11.15 17.68 9.32
C ASN C 116 10.20 17.63 8.11
N SER C 117 10.72 17.78 6.89
CA SER C 117 10.07 17.33 5.63
C SER C 117 9.67 15.85 5.79
N ALA C 118 10.55 15.02 6.35
CA ALA C 118 10.28 13.58 6.59
C ALA C 118 9.00 13.39 7.42
N HIS C 119 8.98 14.02 8.59
CA HIS C 119 7.91 13.85 9.61
C HIS C 119 6.62 14.48 9.09
N SER C 120 6.72 15.61 8.40
CA SER C 120 5.58 16.32 7.73
C SER C 120 4.95 15.42 6.66
N ALA C 121 5.77 14.74 5.86
CA ALA C 121 5.31 13.86 4.76
C ALA C 121 4.86 12.50 5.30
N GLY C 122 5.06 12.23 6.60
CA GLY C 122 4.74 10.93 7.22
C GLY C 122 5.60 9.77 6.70
N VAL C 123 6.89 10.02 6.39
CA VAL C 123 7.76 8.96 5.80
C VAL C 123 8.95 8.70 6.73
N GLY C 124 8.73 8.71 8.04
CA GLY C 124 9.75 8.38 9.04
C GLY C 124 10.20 6.92 8.90
N ALA C 125 9.29 6.00 8.73
CA ALA C 125 9.60 4.55 8.66
C ALA C 125 10.50 4.29 7.46
N ILE C 126 10.19 4.87 6.29
CA ILE C 126 11.01 4.69 5.06
C ILE C 126 12.39 5.30 5.28
N PHE C 127 12.47 6.46 5.94
CA PHE C 127 13.72 7.17 6.30
C PHE C 127 14.61 6.27 7.17
N ASP C 128 14.04 5.66 8.22
CA ASP C 128 14.76 4.71 9.11
C ASP C 128 15.31 3.52 8.31
N ARG C 129 14.51 3.03 7.34
CA ARG C 129 14.94 1.89 6.48
C ARG C 129 16.16 2.33 5.65
N VAL C 130 16.11 3.53 5.08
CA VAL C 130 17.25 4.07 4.30
C VAL C 130 18.48 4.14 5.21
N LEU C 131 18.37 4.69 6.44
CA LEU C 131 19.55 4.86 7.34
C LEU C 131 20.10 3.50 7.77
N THR C 132 19.26 2.54 8.18
CA THR C 132 19.73 1.28 8.79
C THR C 132 20.11 0.26 7.72
N GLU C 133 19.44 0.24 6.57
CA GLU C 133 19.68 -0.81 5.54
C GLU C 133 20.68 -0.33 4.48
N LEU C 134 20.73 0.97 4.18
CA LEU C 134 21.64 1.49 3.13
C LEU C 134 22.74 2.34 3.78
N VAL C 135 22.40 3.49 4.36
CA VAL C 135 23.41 4.52 4.74
C VAL C 135 24.43 3.90 5.68
N SER C 136 24.00 3.33 6.81
CA SER C 136 24.92 2.85 7.87
C SER C 136 25.76 1.68 7.35
N LYS C 137 25.24 0.85 6.45
CA LYS C 137 25.98 -0.31 5.88
C LYS C 137 27.01 0.21 4.87
N MET C 138 26.65 1.21 4.07
CA MET C 138 27.63 1.89 3.18
C MET C 138 28.75 2.49 4.03
N ARG C 139 28.42 3.06 5.19
CA ARG C 139 29.40 3.73 6.08
C ARG C 139 30.30 2.67 6.74
N ASP C 140 29.74 1.62 7.33
CA ASP C 140 30.50 0.55 8.05
C ASP C 140 31.53 -0.12 7.13
N MET C 141 31.22 -0.32 5.85
CA MET C 141 32.14 -0.99 4.90
C MET C 141 32.95 0.05 4.11
N GLN C 142 32.74 1.34 4.33
CA GLN C 142 33.39 2.44 3.57
C GLN C 142 33.22 2.18 2.07
N MET C 143 32.01 1.85 1.62
CA MET C 143 31.69 1.76 0.16
C MET C 143 32.22 3.05 -0.50
N ASP C 144 33.00 2.94 -1.57
CA ASP C 144 33.60 4.09 -2.27
C ASP C 144 32.77 4.41 -3.52
N LYS C 145 33.08 5.52 -4.17
CA LYS C 145 32.25 6.07 -5.27
C LYS C 145 32.33 5.15 -6.49
N THR C 146 33.45 4.44 -6.67
CA THR C 146 33.59 3.48 -7.80
C THR C 146 32.60 2.34 -7.57
N GLU C 147 32.51 1.85 -6.34
CA GLU C 147 31.65 0.71 -5.93
C GLU C 147 30.18 1.11 -6.11
N LEU C 148 29.80 2.30 -5.64
CA LEU C 148 28.44 2.84 -5.81
C LEU C 148 28.12 2.97 -7.29
N GLY C 149 29.01 3.57 -8.06
CA GLY C 149 28.88 3.70 -9.51
C GLY C 149 28.55 2.35 -10.15
N CYS C 150 29.31 1.32 -9.83
CA CYS C 150 29.12 -0.04 -10.39
C CYS C 150 27.75 -0.58 -9.97
N LEU C 151 27.37 -0.43 -8.70
CA LEU C 151 26.06 -0.91 -8.21
C LEU C 151 24.94 -0.23 -9.01
N ARG C 152 25.05 1.08 -9.22
CA ARG C 152 24.05 1.87 -9.98
C ARG C 152 24.02 1.39 -11.43
N ALA C 153 25.17 1.10 -12.02
CA ALA C 153 25.24 0.62 -13.41
C ALA C 153 24.56 -0.75 -13.47
N ILE C 154 24.74 -1.59 -12.46
CA ILE C 154 24.06 -2.91 -12.38
C ILE C 154 22.55 -2.70 -12.39
N VAL C 155 22.04 -1.81 -11.53
CA VAL C 155 20.60 -1.47 -11.45
C VAL C 155 20.12 -0.95 -12.80
N LEU C 156 20.87 -0.04 -13.43
CA LEU C 156 20.50 0.50 -14.75
C LEU C 156 20.31 -0.64 -15.75
N PHE C 157 21.31 -1.52 -15.85
CA PHE C 157 21.32 -2.67 -16.79
C PHE C 157 20.50 -3.81 -16.16
N ASN C 158 19.20 -3.57 -15.96
CA ASN C 158 18.26 -4.52 -15.34
C ASN C 158 17.61 -5.37 -16.42
N PRO C 159 18.02 -6.65 -16.61
CA PRO C 159 17.46 -7.48 -17.68
C PRO C 159 16.06 -8.02 -17.36
N ASP C 160 15.56 -7.78 -16.15
CA ASP C 160 14.19 -8.14 -15.72
C ASP C 160 13.18 -7.09 -16.15
N SER C 161 13.62 -5.90 -16.55
CA SER C 161 12.72 -4.79 -16.94
C SER C 161 11.80 -5.30 -18.05
N LYS C 162 10.51 -5.01 -17.91
CA LYS C 162 9.40 -5.56 -18.74
C LYS C 162 9.48 -4.90 -20.12
N GLY C 163 9.39 -5.69 -21.19
CA GLY C 163 9.29 -5.21 -22.58
C GLY C 163 10.62 -4.85 -23.24
N LEU C 164 11.77 -5.21 -22.69
CA LEU C 164 13.07 -5.04 -23.38
C LEU C 164 13.05 -5.85 -24.68
N SER C 165 13.50 -5.27 -25.79
CA SER C 165 13.65 -5.97 -27.10
C SER C 165 14.72 -7.05 -26.97
N ASN C 166 15.81 -6.78 -26.23
CA ASN C 166 16.94 -7.73 -26.14
C ASN C 166 17.49 -7.77 -24.72
N PRO C 167 16.82 -8.49 -23.81
CA PRO C 167 17.29 -8.61 -22.44
C PRO C 167 18.67 -9.28 -22.33
N ALA C 168 19.02 -10.17 -23.27
CA ALA C 168 20.34 -10.84 -23.33
C ALA C 168 21.44 -9.79 -23.44
N GLU C 169 21.22 -8.78 -24.28
CA GLU C 169 22.18 -7.66 -24.48
C GLU C 169 22.32 -6.89 -23.17
N VAL C 170 21.22 -6.72 -22.42
CA VAL C 170 21.25 -5.92 -21.16
C VAL C 170 21.96 -6.76 -20.10
N GLU C 171 21.68 -8.06 -20.08
CA GLU C 171 22.30 -9.01 -19.10
C GLU C 171 23.82 -8.98 -19.33
N ALA C 172 24.26 -9.02 -20.59
CA ALA C 172 25.69 -9.07 -20.99
C ALA C 172 26.38 -7.78 -20.52
N LEU C 173 25.74 -6.61 -20.68
CA LEU C 173 26.32 -5.35 -20.12
C LEU C 173 26.36 -5.42 -18.58
N ARG C 174 25.31 -5.94 -17.93
CA ARG C 174 25.33 -6.13 -16.46
C ARG C 174 26.53 -7.00 -16.07
N GLU C 175 26.72 -8.13 -16.74
CA GLU C 175 27.84 -9.08 -16.46
C GLU C 175 29.18 -8.34 -16.54
N LYS C 176 29.38 -7.53 -17.59
CA LYS C 176 30.63 -6.76 -17.80
C LYS C 176 30.82 -5.83 -16.62
N VAL C 177 29.75 -5.18 -16.12
CA VAL C 177 29.90 -4.27 -14.96
C VAL C 177 30.33 -5.08 -13.74
N TYR C 178 29.68 -6.20 -13.42
CA TYR C 178 29.98 -6.84 -12.10
C TYR C 178 31.32 -7.58 -12.18
N ALA C 179 31.72 -8.08 -13.35
CA ALA C 179 33.09 -8.67 -13.54
C ALA C 179 34.14 -7.60 -13.23
N SER C 180 33.90 -6.40 -13.77
CA SER C 180 34.79 -5.24 -13.59
C SER C 180 34.77 -4.81 -12.11
N LEU C 181 33.60 -4.87 -11.44
CA LEU C 181 33.48 -4.50 -10.01
C LEU C 181 34.27 -5.47 -9.16
N GLU C 182 34.10 -6.77 -9.42
CA GLU C 182 34.80 -7.84 -8.67
C GLU C 182 36.32 -7.60 -8.79
N ALA C 183 36.80 -7.37 -10.01
CA ALA C 183 38.25 -7.12 -10.28
C ALA C 183 38.73 -5.93 -9.44
N TYR C 184 37.94 -4.85 -9.41
CA TYR C 184 38.27 -3.63 -8.64
C TYR C 184 38.36 -3.97 -7.16
N CYS C 185 37.35 -4.62 -6.57
CA CYS C 185 37.32 -4.94 -5.13
C CYS C 185 38.52 -5.82 -4.74
N LYS C 186 38.84 -6.81 -5.57
CA LYS C 186 39.93 -7.79 -5.32
C LYS C 186 41.29 -7.08 -5.30
N HIS C 187 41.50 -6.08 -6.18
CA HIS C 187 42.77 -5.33 -6.31
C HIS C 187 42.85 -4.27 -5.19
N LYS C 188 41.77 -3.52 -4.94
CA LYS C 188 41.82 -2.39 -4.00
C LYS C 188 41.65 -2.87 -2.55
N TYR C 189 40.91 -3.97 -2.30
CA TYR C 189 40.65 -4.49 -0.93
C TYR C 189 40.91 -6.00 -0.88
N PRO C 190 42.14 -6.46 -1.23
CA PRO C 190 42.43 -7.90 -1.34
C PRO C 190 42.32 -8.66 -0.01
N GLU C 191 42.41 -7.95 1.12
CA GLU C 191 42.23 -8.52 2.49
C GLU C 191 40.73 -8.73 2.81
N GLN C 192 39.79 -8.28 1.96
CA GLN C 192 38.33 -8.45 2.19
C GLN C 192 37.74 -9.28 1.05
N PRO C 193 37.94 -10.62 1.04
CA PRO C 193 37.50 -11.45 -0.09
C PRO C 193 35.97 -11.49 -0.25
N GLY C 194 35.21 -11.23 0.82
CA GLY C 194 33.73 -11.18 0.78
C GLY C 194 33.15 -9.84 0.29
N ARG C 195 33.99 -8.85 -0.07
CA ARG C 195 33.50 -7.45 -0.30
C ARG C 195 32.54 -7.36 -1.51
N PHE C 196 32.88 -7.95 -2.62
CA PHE C 196 32.06 -7.99 -3.86
C PHE C 196 30.63 -8.49 -3.53
N ALA C 197 30.52 -9.62 -2.84
CA ALA C 197 29.25 -10.25 -2.47
C ALA C 197 28.48 -9.27 -1.58
N LYS C 198 29.16 -8.65 -0.60
CA LYS C 198 28.59 -7.71 0.39
C LYS C 198 27.95 -6.54 -0.39
N LEU C 199 28.65 -6.03 -1.43
CA LEU C 199 28.12 -4.95 -2.30
C LEU C 199 26.82 -5.44 -2.97
N LEU C 200 26.84 -6.59 -3.61
CA LEU C 200 25.68 -7.09 -4.39
C LEU C 200 24.52 -7.30 -3.42
N LEU C 201 24.81 -7.67 -2.17
CA LEU C 201 23.76 -8.06 -1.19
C LEU C 201 23.15 -6.82 -0.52
N ARG C 202 23.51 -5.60 -0.96
CA ARG C 202 22.70 -4.40 -0.65
C ARG C 202 21.57 -4.25 -1.69
N LEU C 203 21.64 -4.93 -2.84
CA LEU C 203 20.64 -4.70 -3.93
C LEU C 203 19.23 -5.16 -3.52
N PRO C 204 19.03 -6.24 -2.72
CA PRO C 204 17.68 -6.57 -2.25
C PRO C 204 17.07 -5.45 -1.39
N ALA C 205 17.82 -4.87 -0.46
CA ALA C 205 17.38 -3.75 0.40
C ALA C 205 17.03 -2.56 -0.52
N LEU C 206 17.84 -2.25 -1.52
CA LEU C 206 17.55 -1.16 -2.51
C LEU C 206 16.22 -1.43 -3.23
N ARG C 207 15.98 -2.66 -3.64
CA ARG C 207 14.75 -3.07 -4.35
C ARG C 207 13.53 -2.86 -3.44
N SER C 208 13.55 -3.29 -2.17
CA SER C 208 12.38 -3.16 -1.27
C SER C 208 12.22 -1.69 -0.85
N ILE C 209 13.28 -0.98 -0.56
CA ILE C 209 13.18 0.46 -0.22
C ILE C 209 12.64 1.23 -1.45
N GLY C 210 13.09 0.86 -2.65
CA GLY C 210 12.55 1.43 -3.90
C GLY C 210 11.04 1.24 -4.01
N LEU C 211 10.55 0.03 -3.82
CA LEU C 211 9.10 -0.29 -3.88
C LEU C 211 8.35 0.53 -2.83
N LYS C 212 8.83 0.59 -1.59
CA LYS C 212 8.17 1.27 -0.45
C LYS C 212 8.16 2.78 -0.73
N CYS C 213 9.20 3.32 -1.36
CA CYS C 213 9.28 4.75 -1.72
C CYS C 213 8.15 5.09 -2.71
N LEU C 214 7.88 4.25 -3.71
CA LEU C 214 6.74 4.45 -4.66
C LEU C 214 5.40 4.31 -3.94
N GLU C 215 5.15 3.19 -3.24
CA GLU C 215 3.90 2.93 -2.45
C GLU C 215 3.47 4.18 -1.66
N HIS C 216 4.37 4.77 -0.87
CA HIS C 216 4.08 5.87 0.08
C HIS C 216 4.34 7.24 -0.57
N LEU C 217 4.56 7.27 -1.89
CA LEU C 217 4.76 8.50 -2.71
C LEU C 217 5.88 9.34 -2.10
N PHE C 218 6.94 8.71 -1.62
CA PHE C 218 8.09 9.35 -0.90
C PHE C 218 8.58 10.54 -1.72
N PHE C 219 8.70 10.38 -3.04
CA PHE C 219 9.27 11.41 -3.94
C PHE C 219 8.33 12.61 -4.06
N PHE C 220 7.07 12.37 -4.42
CA PHE C 220 6.01 13.42 -4.48
C PHE C 220 6.03 14.22 -3.18
N LYS C 221 6.06 13.56 -2.03
CA LYS C 221 5.86 14.21 -0.71
C LYS C 221 7.08 15.05 -0.36
N LEU C 222 8.28 14.63 -0.74
CA LEU C 222 9.52 15.32 -0.27
C LEU C 222 9.81 16.49 -1.20
N ILE C 223 9.56 16.30 -2.49
CA ILE C 223 9.68 17.36 -3.53
C ILE C 223 8.59 18.39 -3.22
N GLY C 224 7.41 17.91 -2.78
CA GLY C 224 6.15 18.67 -2.77
C GLY C 224 5.74 19.16 -1.39
N ASP C 225 6.61 19.09 -0.37
CA ASP C 225 6.23 19.48 1.01
C ASP C 225 6.17 21.02 1.08
N THR C 226 7.31 21.67 0.94
CA THR C 226 7.47 23.12 1.27
C THR C 226 6.81 23.98 0.21
N PRO C 227 7.01 23.76 -1.11
CA PRO C 227 6.26 24.49 -2.14
C PRO C 227 4.73 24.52 -1.96
N ILE C 228 4.10 23.42 -1.52
CA ILE C 228 2.64 23.43 -1.23
C ILE C 228 2.43 24.22 0.07
N ASP C 229 3.17 23.90 1.13
CA ASP C 229 2.91 24.47 2.47
C ASP C 229 3.01 26.00 2.38
N THR C 230 4.10 26.49 1.77
CA THR C 230 4.40 27.93 1.70
C THR C 230 3.33 28.58 0.81
N PHE C 231 2.99 27.96 -0.32
CA PHE C 231 1.96 28.48 -1.27
C PHE C 231 0.61 28.67 -0.57
N LEU C 232 0.17 27.66 0.19
CA LEU C 232 -1.12 27.69 0.94
C LEU C 232 -1.03 28.78 2.00
N MET C 233 0.05 28.83 2.79
CA MET C 233 0.22 29.80 3.91
C MET C 233 0.10 31.24 3.37
N GLU C 234 0.74 31.51 2.23
CA GLU C 234 0.79 32.85 1.60
C GLU C 234 -0.62 33.21 1.14
N MET C 235 -1.31 32.28 0.46
CA MET C 235 -2.68 32.55 -0.07
C MET C 235 -3.64 32.76 1.11
N LEU C 236 -3.46 32.00 2.18
CA LEU C 236 -4.35 32.03 3.37
C LEU C 236 -4.16 33.34 4.15
N GLU C 237 -3.00 34.01 4.01
CA GLU C 237 -2.38 35.04 4.91
C GLU C 237 -3.02 35.03 6.30
N ILE D 49 -6.14 -26.28 2.58
CA ILE D 49 -6.80 -25.23 3.39
C ILE D 49 -5.71 -24.61 4.30
N CYS D 50 -6.10 -24.18 5.49
CA CYS D 50 -5.20 -23.68 6.56
C CYS D 50 -4.21 -24.76 6.99
N GLN D 51 -4.61 -26.04 6.89
CA GLN D 51 -3.79 -27.24 7.14
C GLN D 51 -2.54 -27.24 6.25
N ALA D 52 -2.67 -27.04 4.94
CA ALA D 52 -1.53 -27.08 3.98
C ALA D 52 -0.47 -26.01 4.34
N ALA D 53 -0.91 -24.82 4.77
CA ALA D 53 -0.01 -23.74 5.27
C ALA D 53 0.69 -24.17 6.56
N ASP D 54 -0.05 -24.80 7.49
CA ASP D 54 0.51 -25.39 8.73
C ASP D 54 1.66 -26.34 8.37
N LYS D 55 1.38 -27.31 7.51
CA LYS D 55 2.35 -28.32 7.01
C LYS D 55 3.58 -27.61 6.43
N GLN D 56 3.34 -26.70 5.49
CA GLN D 56 4.40 -25.92 4.78
C GLN D 56 5.23 -25.15 5.80
N LEU D 57 4.61 -24.52 6.79
CA LEU D 57 5.35 -23.83 7.88
C LEU D 57 6.21 -24.83 8.66
N PHE D 58 5.71 -26.02 9.00
CA PHE D 58 6.45 -27.04 9.79
C PHE D 58 7.73 -27.44 9.03
N THR D 59 7.54 -27.76 7.74
CA THR D 59 8.62 -28.17 6.81
C THR D 59 9.70 -27.08 6.81
N LEU D 60 9.29 -25.81 6.82
CA LEU D 60 10.21 -24.66 6.80
C LEU D 60 11.07 -24.67 8.06
N VAL D 61 10.43 -24.84 9.22
CA VAL D 61 11.16 -24.78 10.51
C VAL D 61 12.14 -25.96 10.58
N GLU D 62 11.73 -27.15 10.09
CA GLU D 62 12.61 -28.35 10.10
C GLU D 62 13.85 -28.04 9.24
N TRP D 63 13.63 -27.44 8.07
CA TRP D 63 14.72 -27.05 7.12
C TRP D 63 15.65 -26.04 7.82
N ALA D 64 15.11 -25.01 8.47
CA ALA D 64 15.93 -23.95 9.12
C ALA D 64 16.81 -24.55 10.21
N LYS D 65 16.28 -25.48 11.00
CA LYS D 65 17.02 -26.05 12.16
C LYS D 65 18.22 -26.83 11.65
N ARG D 66 18.15 -27.32 10.41
CA ARG D 66 19.23 -28.12 9.76
C ARG D 66 20.25 -27.22 9.05
N ILE D 67 20.03 -25.90 9.00
CA ILE D 67 21.03 -24.95 8.41
C ILE D 67 22.09 -24.72 9.48
N PRO D 68 23.38 -24.96 9.15
CA PRO D 68 24.47 -24.77 10.10
C PRO D 68 24.44 -23.41 10.79
N HIS D 69 24.43 -23.42 12.13
CA HIS D 69 24.64 -22.27 13.04
C HIS D 69 23.32 -21.54 13.31
N PHE D 70 22.26 -21.88 12.58
CA PHE D 70 20.94 -21.23 12.76
C PHE D 70 20.49 -21.39 14.21
N SER D 71 20.60 -22.62 14.72
CA SER D 71 20.11 -23.05 16.05
C SER D 71 20.98 -22.46 17.16
N GLU D 72 22.17 -21.94 16.84
CA GLU D 72 23.08 -21.27 17.81
C GLU D 72 22.64 -19.84 18.07
N LEU D 73 21.87 -19.21 17.16
CA LEU D 73 21.32 -17.84 17.38
C LEU D 73 20.36 -17.85 18.57
N PRO D 74 20.23 -16.75 19.32
CA PRO D 74 19.16 -16.62 20.31
C PRO D 74 17.79 -16.97 19.69
N LEU D 75 16.96 -17.70 20.41
CA LEU D 75 15.64 -18.20 19.93
C LEU D 75 14.78 -17.04 19.40
N ASP D 76 14.81 -15.88 20.06
CA ASP D 76 14.04 -14.68 19.62
C ASP D 76 14.44 -14.34 18.17
N ASP D 77 15.73 -14.24 17.91
CA ASP D 77 16.32 -13.92 16.59
C ASP D 77 15.93 -14.99 15.57
N GLN D 78 15.91 -16.27 15.95
CA GLN D 78 15.52 -17.38 15.05
C GLN D 78 14.08 -17.16 14.59
N VAL D 79 13.23 -16.73 15.52
CA VAL D 79 11.78 -16.49 15.27
C VAL D 79 11.68 -15.31 14.30
N ILE D 80 12.42 -14.24 14.60
CA ILE D 80 12.45 -13.02 13.74
C ILE D 80 12.88 -13.42 12.32
N LEU D 81 13.95 -14.21 12.19
CA LEU D 81 14.47 -14.60 10.87
C LEU D 81 13.41 -15.42 10.11
N LEU D 82 12.70 -16.33 10.78
CA LEU D 82 11.72 -17.18 10.06
C LEU D 82 10.50 -16.34 9.64
N ARG D 83 10.10 -15.38 10.48
CA ARG D 83 8.94 -14.49 10.20
C ARG D 83 9.29 -13.56 9.04
N ALA D 84 10.51 -13.04 9.02
CA ALA D 84 11.03 -12.12 7.98
C ALA D 84 11.23 -12.86 6.66
N GLY D 85 11.45 -14.18 6.69
CA GLY D 85 11.94 -14.92 5.50
C GLY D 85 10.91 -15.85 4.89
N TRP D 86 9.89 -16.29 5.63
CA TRP D 86 9.09 -17.47 5.23
C TRP D 86 8.58 -17.30 3.79
N ASN D 87 8.17 -16.10 3.44
CA ASN D 87 7.52 -15.78 2.14
C ASN D 87 8.52 -15.97 0.98
N GLU D 88 9.69 -15.34 1.07
CA GLU D 88 10.76 -15.49 0.04
C GLU D 88 11.27 -16.94 0.00
N LEU D 89 11.42 -17.59 1.15
CA LEU D 89 11.91 -18.99 1.22
C LEU D 89 10.95 -19.94 0.45
N LEU D 90 9.64 -19.79 0.63
CA LEU D 90 8.61 -20.60 -0.08
C LEU D 90 8.62 -20.30 -1.57
N ILE D 91 8.69 -19.03 -1.95
CA ILE D 91 8.64 -18.62 -3.38
C ILE D 91 9.87 -19.21 -4.07
N ALA D 92 11.02 -19.15 -3.41
CA ALA D 92 12.28 -19.66 -4.01
C ALA D 92 12.11 -21.17 -4.25
N SER D 93 11.57 -21.90 -3.28
CA SER D 93 11.38 -23.37 -3.40
C SER D 93 10.42 -23.66 -4.56
N PHE D 94 9.22 -23.08 -4.60
CA PHE D 94 8.23 -23.51 -5.62
C PHE D 94 8.69 -23.01 -6.98
N SER D 95 9.41 -21.89 -7.05
CA SER D 95 9.99 -21.39 -8.33
C SER D 95 10.98 -22.45 -8.87
N HIS D 96 11.89 -22.94 -8.04
CA HIS D 96 12.91 -23.96 -8.44
C HIS D 96 12.19 -25.27 -8.82
N ARG D 97 11.23 -25.71 -8.01
CA ARG D 97 10.37 -26.90 -8.28
C ARG D 97 9.71 -26.79 -9.67
N SER D 98 9.36 -25.58 -10.11
CA SER D 98 8.55 -25.35 -11.33
C SER D 98 9.42 -25.38 -12.59
N ILE D 99 10.73 -25.55 -12.47
CA ILE D 99 11.65 -25.85 -13.60
C ILE D 99 11.10 -27.05 -14.37
N ALA D 100 10.59 -28.04 -13.62
CA ALA D 100 10.04 -29.32 -14.13
C ALA D 100 8.82 -29.06 -15.02
N VAL D 101 8.09 -27.97 -14.78
CA VAL D 101 6.75 -27.72 -15.36
C VAL D 101 6.88 -26.76 -16.55
N LYS D 102 6.11 -27.04 -17.61
CA LYS D 102 6.07 -26.25 -18.86
C LYS D 102 5.14 -25.05 -18.62
N ASP D 103 5.73 -23.86 -18.40
CA ASP D 103 5.06 -22.54 -18.49
C ASP D 103 3.95 -22.41 -17.44
N GLY D 104 4.14 -22.99 -16.25
CA GLY D 104 3.33 -22.72 -15.05
C GLY D 104 4.15 -22.90 -13.79
N ILE D 105 3.50 -23.02 -12.64
CA ILE D 105 4.21 -23.32 -11.37
C ILE D 105 3.56 -24.55 -10.75
N LEU D 106 4.40 -25.43 -10.18
CA LEU D 106 3.97 -26.58 -9.36
C LEU D 106 3.96 -26.14 -7.90
N LEU D 107 2.98 -26.59 -7.10
CA LEU D 107 2.96 -26.38 -5.63
C LEU D 107 3.13 -27.73 -4.90
N HIS D 112 0.86 -27.72 -12.88
CA HIS D 112 -0.12 -27.48 -11.78
C HIS D 112 -0.93 -26.18 -11.99
N VAL D 113 -0.34 -24.98 -11.90
CA VAL D 113 -1.07 -23.70 -12.14
C VAL D 113 -0.51 -23.03 -13.38
N HIS D 114 -1.35 -22.85 -14.40
CA HIS D 114 -0.97 -22.28 -15.72
C HIS D 114 -1.56 -20.89 -15.76
N ARG D 115 -1.11 -20.09 -16.74
CA ARG D 115 -1.40 -18.65 -16.78
C ARG D 115 -2.91 -18.41 -16.77
N ASN D 116 -3.74 -19.32 -17.30
CA ASN D 116 -5.22 -19.09 -17.37
C ASN D 116 -5.79 -18.91 -15.96
N SER D 117 -5.44 -19.82 -15.04
CA SER D 117 -5.87 -19.75 -13.62
C SER D 117 -5.43 -18.41 -13.04
N ALA D 118 -4.18 -18.01 -13.32
CA ALA D 118 -3.59 -16.76 -12.79
C ALA D 118 -4.42 -15.58 -13.26
N HIS D 119 -4.65 -15.48 -14.57
CA HIS D 119 -5.34 -14.33 -15.22
C HIS D 119 -6.80 -14.29 -14.81
N SER D 120 -7.45 -15.46 -14.68
CA SER D 120 -8.85 -15.61 -14.20
C SER D 120 -8.97 -15.11 -12.75
N ALA D 121 -8.00 -15.44 -11.89
CA ALA D 121 -7.97 -15.00 -10.47
C ALA D 121 -7.46 -13.54 -10.33
N GLY D 122 -7.09 -12.88 -11.42
CA GLY D 122 -6.68 -11.45 -11.42
C GLY D 122 -5.21 -11.22 -11.02
N VAL D 123 -4.38 -12.25 -11.00
CA VAL D 123 -2.95 -12.18 -10.59
C VAL D 123 -2.06 -12.64 -11.74
N GLY D 124 -2.45 -12.34 -12.99
CA GLY D 124 -1.68 -12.73 -14.18
C GLY D 124 -0.28 -12.08 -14.18
N ALA D 125 -0.24 -10.78 -13.88
CA ALA D 125 0.99 -9.97 -13.93
C ALA D 125 2.01 -10.55 -12.94
N ILE D 126 1.59 -10.88 -11.72
CA ILE D 126 2.51 -11.43 -10.68
C ILE D 126 2.99 -12.83 -11.10
N PHE D 127 2.12 -13.63 -11.69
CA PHE D 127 2.43 -14.98 -12.24
C PHE D 127 3.52 -14.87 -13.31
N ASP D 128 3.36 -13.94 -14.27
CA ASP D 128 4.37 -13.68 -15.33
C ASP D 128 5.72 -13.29 -14.71
N ARG D 129 5.70 -12.52 -13.62
CA ARG D 129 6.94 -12.07 -12.95
C ARG D 129 7.64 -13.29 -12.38
N VAL D 130 6.88 -14.20 -11.74
CA VAL D 130 7.47 -15.45 -11.20
C VAL D 130 8.12 -16.24 -12.34
N LEU D 131 7.41 -16.44 -13.46
CA LEU D 131 7.96 -17.25 -14.59
C LEU D 131 9.18 -16.59 -15.22
N THR D 132 9.14 -15.28 -15.50
CA THR D 132 10.19 -14.60 -16.29
C THR D 132 11.39 -14.24 -15.41
N GLU D 133 11.17 -13.88 -14.15
CA GLU D 133 12.26 -13.38 -13.29
C GLU D 133 12.86 -14.50 -12.45
N LEU D 134 12.10 -15.52 -12.07
CA LEU D 134 12.63 -16.62 -11.23
C LEU D 134 12.67 -17.93 -12.04
N VAL D 135 11.52 -18.48 -12.42
CA VAL D 135 11.47 -19.88 -12.93
C VAL D 135 12.38 -20.02 -14.15
N SER D 136 12.17 -19.20 -15.18
CA SER D 136 12.86 -19.35 -16.49
C SER D 136 14.35 -19.04 -16.31
N LYS D 137 14.74 -18.15 -15.38
CA LYS D 137 16.17 -17.81 -15.14
C LYS D 137 16.83 -18.99 -14.41
N MET D 138 16.13 -19.61 -13.46
CA MET D 138 16.62 -20.84 -12.79
C MET D 138 16.81 -21.93 -13.85
N ARG D 139 15.89 -22.02 -14.82
CA ARG D 139 15.93 -23.08 -15.86
C ARG D 139 17.10 -22.81 -16.83
N ASP D 140 17.21 -21.59 -17.35
CA ASP D 140 18.23 -21.20 -18.37
C ASP D 140 19.65 -21.43 -17.83
N MET D 141 19.91 -21.17 -16.53
CA MET D 141 21.26 -21.31 -15.95
C MET D 141 21.42 -22.68 -15.28
N GLN D 142 20.38 -23.53 -15.31
CA GLN D 142 20.37 -24.86 -14.64
C GLN D 142 20.82 -24.65 -13.17
N MET D 143 20.24 -23.69 -12.47
CA MET D 143 20.45 -23.56 -11.00
C MET D 143 20.19 -24.94 -10.38
N ASP D 144 21.11 -25.44 -9.55
CA ASP D 144 21.00 -26.79 -8.95
C ASP D 144 20.54 -26.65 -7.50
N LYS D 145 20.26 -27.78 -6.85
CA LYS D 145 19.61 -27.79 -5.52
C LYS D 145 20.60 -27.27 -4.47
N THR D 146 21.91 -27.45 -4.69
CA THR D 146 22.94 -26.94 -3.74
C THR D 146 22.86 -25.41 -3.78
N GLU D 147 22.78 -24.84 -4.98
CA GLU D 147 22.76 -23.37 -5.22
C GLU D 147 21.48 -22.80 -4.60
N LEU D 148 20.33 -23.42 -4.85
CA LEU D 148 19.04 -23.01 -4.23
C LEU D 148 19.16 -23.05 -2.71
N GLY D 149 19.66 -24.15 -2.16
CA GLY D 149 19.90 -24.28 -0.71
C GLY D 149 20.68 -23.11 -0.15
N CYS D 150 21.81 -22.76 -0.77
CA CYS D 150 22.67 -21.64 -0.30
C CYS D 150 21.91 -20.31 -0.41
N LEU D 151 21.19 -20.08 -1.52
CA LEU D 151 20.40 -18.83 -1.71
C LEU D 151 19.37 -18.72 -0.59
N ARG D 152 18.68 -19.82 -0.28
CA ARG D 152 17.65 -19.85 0.79
C ARG D 152 18.32 -19.60 2.15
N ALA D 153 19.49 -20.16 2.39
CA ALA D 153 20.23 -19.91 3.65
C ALA D 153 20.60 -18.43 3.73
N ILE D 154 21.00 -17.82 2.60
CA ILE D 154 21.33 -16.36 2.58
C ILE D 154 20.08 -15.54 2.96
N VAL D 155 18.95 -15.86 2.36
CA VAL D 155 17.64 -15.21 2.67
C VAL D 155 17.32 -15.38 4.16
N LEU D 156 17.44 -16.61 4.67
CA LEU D 156 17.17 -16.90 6.10
C LEU D 156 18.02 -15.98 6.98
N PHE D 157 19.33 -15.93 6.73
CA PHE D 157 20.29 -15.10 7.49
C PHE D 157 20.21 -13.65 6.98
N ASN D 158 19.06 -13.01 7.15
CA ASN D 158 18.79 -11.62 6.73
C ASN D 158 19.13 -10.64 7.86
N PRO D 159 20.26 -9.92 7.78
CA PRO D 159 20.70 -9.05 8.88
C PRO D 159 19.93 -7.72 8.96
N ASP D 160 19.06 -7.47 7.98
CA ASP D 160 18.19 -6.26 7.95
C ASP D 160 16.91 -6.49 8.77
N SER D 161 16.60 -7.72 9.16
CA SER D 161 15.32 -8.06 9.85
C SER D 161 15.21 -7.20 11.11
N LYS D 162 14.05 -6.60 11.34
CA LYS D 162 13.81 -5.60 12.42
C LYS D 162 13.81 -6.31 13.79
N GLY D 163 14.55 -5.76 14.76
CA GLY D 163 14.55 -6.22 16.17
C GLY D 163 15.52 -7.37 16.45
N LEU D 164 16.44 -7.69 15.55
CA LEU D 164 17.49 -8.70 15.84
C LEU D 164 18.35 -8.17 16.99
N SER D 165 18.67 -9.01 17.96
CA SER D 165 19.57 -8.66 19.10
C SER D 165 20.98 -8.38 18.57
N ASN D 166 21.45 -9.16 17.59
CA ASN D 166 22.84 -9.02 17.07
C ASN D 166 22.87 -9.22 15.57
N PRO D 167 22.51 -8.18 14.78
CA PRO D 167 22.53 -8.29 13.32
C PRO D 167 23.92 -8.59 12.75
N ALA D 168 24.99 -8.16 13.41
CA ALA D 168 26.40 -8.44 13.03
C ALA D 168 26.63 -9.96 12.98
N GLU D 169 26.09 -10.66 13.98
CA GLU D 169 26.16 -12.14 14.09
C GLU D 169 25.43 -12.76 12.87
N VAL D 170 24.31 -12.17 12.44
CA VAL D 170 23.51 -12.75 11.33
C VAL D 170 24.25 -12.47 10.02
N GLU D 171 24.86 -11.29 9.91
CA GLU D 171 25.64 -10.90 8.71
C GLU D 171 26.81 -11.88 8.56
N ALA D 172 27.50 -12.20 9.66
CA ALA D 172 28.67 -13.13 9.69
C ALA D 172 28.24 -14.54 9.26
N LEU D 173 27.07 -15.02 9.69
CA LEU D 173 26.56 -16.34 9.19
C LEU D 173 26.23 -16.24 7.68
N ARG D 174 25.62 -15.13 7.24
CA ARG D 174 25.37 -14.90 5.80
C ARG D 174 26.70 -15.00 5.03
N GLU D 175 27.74 -14.31 5.50
CA GLU D 175 29.09 -14.27 4.85
C GLU D 175 29.58 -15.73 4.69
N LYS D 176 29.48 -16.53 5.75
CA LYS D 176 29.97 -17.93 5.72
C LYS D 176 29.21 -18.68 4.61
N VAL D 177 27.89 -18.47 4.49
CA VAL D 177 27.10 -19.20 3.46
C VAL D 177 27.58 -18.75 2.08
N TYR D 178 27.73 -17.45 1.81
CA TYR D 178 27.98 -17.05 0.38
C TYR D 178 29.43 -17.37 0.00
N ALA D 179 30.37 -17.35 0.93
CA ALA D 179 31.78 -17.80 0.68
C ALA D 179 31.76 -19.27 0.25
N SER D 180 30.97 -20.06 0.95
CA SER D 180 30.79 -21.50 0.67
C SER D 180 30.12 -21.68 -0.71
N LEU D 181 29.16 -20.83 -1.05
CA LEU D 181 28.46 -20.88 -2.37
C LEU D 181 29.44 -20.53 -3.49
N GLU D 182 30.22 -19.48 -3.30
CA GLU D 182 31.26 -19.05 -4.26
C GLU D 182 32.20 -20.22 -4.57
N ALA D 183 32.71 -20.88 -3.50
CA ALA D 183 33.66 -22.01 -3.62
C ALA D 183 33.01 -23.12 -4.46
N TYR D 184 31.74 -23.41 -4.20
CA TYR D 184 30.97 -24.42 -4.94
C TYR D 184 30.87 -24.06 -6.43
N CYS D 185 30.45 -22.84 -6.75
CA CYS D 185 30.26 -22.40 -8.16
C CYS D 185 31.61 -22.45 -8.92
N LYS D 186 32.70 -22.05 -8.25
CA LYS D 186 34.06 -21.98 -8.85
C LYS D 186 34.55 -23.39 -9.20
N HIS D 187 34.26 -24.38 -8.35
CA HIS D 187 34.68 -25.80 -8.55
C HIS D 187 33.75 -26.48 -9.56
N LYS D 188 32.43 -26.30 -9.45
CA LYS D 188 31.48 -27.06 -10.29
C LYS D 188 31.30 -26.43 -11.65
N TYR D 189 31.41 -25.10 -11.76
CA TYR D 189 31.20 -24.36 -13.05
C TYR D 189 32.36 -23.38 -13.27
N PRO D 190 33.63 -23.84 -13.30
CA PRO D 190 34.79 -22.93 -13.38
C PRO D 190 34.84 -22.10 -14.68
N GLU D 191 34.17 -22.57 -15.74
CA GLU D 191 34.07 -21.86 -17.04
C GLU D 191 33.02 -20.74 -16.97
N GLN D 192 32.26 -20.61 -15.88
CA GLN D 192 31.25 -19.52 -15.68
C GLN D 192 31.68 -18.67 -14.48
N PRO D 193 32.68 -17.76 -14.64
CA PRO D 193 33.15 -16.95 -13.52
C PRO D 193 32.06 -15.98 -12.97
N GLY D 194 31.09 -15.62 -13.81
CA GLY D 194 29.96 -14.75 -13.44
C GLY D 194 28.83 -15.47 -12.70
N ARG D 195 28.92 -16.78 -12.48
CA ARG D 195 27.78 -17.59 -11.97
C ARG D 195 27.41 -17.20 -10.53
N PHE D 196 28.38 -17.05 -9.63
CA PHE D 196 28.14 -16.68 -8.23
C PHE D 196 27.34 -15.38 -8.17
N ALA D 197 27.80 -14.35 -8.89
CA ALA D 197 27.16 -13.02 -8.93
C ALA D 197 25.72 -13.19 -9.48
N LYS D 198 25.55 -13.97 -10.55
CA LYS D 198 24.25 -14.21 -11.23
C LYS D 198 23.27 -14.82 -10.22
N LEU D 199 23.73 -15.75 -9.37
CA LEU D 199 22.89 -16.34 -8.29
C LEU D 199 22.47 -15.24 -7.32
N LEU D 200 23.43 -14.44 -6.83
CA LEU D 200 23.11 -13.38 -5.82
C LEU D 200 22.14 -12.38 -6.45
N LEU D 201 22.22 -12.16 -7.76
CA LEU D 201 21.44 -11.11 -8.45
C LEU D 201 20.04 -11.64 -8.81
N ARG D 202 19.66 -12.84 -8.38
CA ARG D 202 18.23 -13.24 -8.38
C ARG D 202 17.58 -12.77 -7.08
N LEU D 203 18.35 -12.38 -6.04
CA LEU D 203 17.74 -12.06 -4.73
C LEU D 203 16.94 -10.77 -4.77
N PRO D 204 17.27 -9.73 -5.59
CA PRO D 204 16.41 -8.56 -5.75
C PRO D 204 15.03 -8.94 -6.34
N ALA D 205 15.00 -9.77 -7.39
CA ALA D 205 13.73 -10.25 -7.99
C ALA D 205 12.94 -11.01 -6.92
N LEU D 206 13.57 -11.89 -6.14
CA LEU D 206 12.88 -12.63 -5.03
C LEU D 206 12.27 -11.64 -4.03
N ARG D 207 12.99 -10.59 -3.67
CA ARG D 207 12.53 -9.57 -2.71
C ARG D 207 11.26 -8.87 -3.26
N SER D 208 11.28 -8.39 -4.51
CA SER D 208 10.12 -7.65 -5.07
C SER D 208 8.97 -8.63 -5.33
N ILE D 209 9.24 -9.82 -5.86
CA ILE D 209 8.15 -10.81 -6.08
C ILE D 209 7.54 -11.21 -4.73
N GLY D 210 8.36 -11.36 -3.69
CA GLY D 210 7.88 -11.61 -2.31
C GLY D 210 6.89 -10.55 -1.87
N LEU D 211 7.27 -9.27 -1.98
CA LEU D 211 6.44 -8.13 -1.56
C LEU D 211 5.13 -8.12 -2.36
N LYS D 212 5.19 -8.30 -3.67
CA LYS D 212 4.02 -8.24 -4.58
C LYS D 212 3.08 -9.42 -4.28
N CYS D 213 3.63 -10.58 -3.93
CA CYS D 213 2.82 -11.78 -3.56
C CYS D 213 1.99 -11.50 -2.29
N LEU D 214 2.56 -10.83 -1.27
CA LEU D 214 1.81 -10.37 -0.06
C LEU D 214 0.76 -9.30 -0.42
N GLU D 215 1.15 -8.19 -1.07
CA GLU D 215 0.28 -7.06 -1.47
C GLU D 215 -1.02 -7.58 -2.09
N HIS D 216 -0.91 -8.45 -3.10
CA HIS D 216 -2.05 -8.92 -3.93
C HIS D 216 -2.63 -10.22 -3.37
N LEU D 217 -2.19 -10.67 -2.19
CA LEU D 217 -2.67 -11.94 -1.55
C LEU D 217 -2.60 -13.06 -2.59
N PHE D 218 -1.48 -13.18 -3.30
CA PHE D 218 -1.28 -14.02 -4.50
C PHE D 218 -1.89 -15.42 -4.26
N PHE D 219 -1.58 -16.04 -3.13
CA PHE D 219 -1.94 -17.47 -2.88
C PHE D 219 -3.45 -17.57 -2.60
N PHE D 220 -3.96 -16.75 -1.68
CA PHE D 220 -5.42 -16.67 -1.36
C PHE D 220 -6.22 -16.52 -2.66
N LYS D 221 -5.81 -15.61 -3.56
CA LYS D 221 -6.61 -15.25 -4.77
C LYS D 221 -6.59 -16.39 -5.78
N LEU D 222 -5.50 -17.16 -5.84
CA LEU D 222 -5.37 -18.40 -6.65
C LEU D 222 -6.42 -19.46 -6.24
N ILE D 223 -6.92 -19.41 -5.00
CA ILE D 223 -7.99 -20.34 -4.53
C ILE D 223 -9.28 -20.03 -5.30
N GLY D 224 -9.53 -18.75 -5.58
CA GLY D 224 -10.68 -18.30 -6.39
C GLY D 224 -11.83 -17.78 -5.54
N ASP D 225 -12.81 -17.19 -6.22
CA ASP D 225 -14.06 -16.71 -5.58
C ASP D 225 -14.94 -17.88 -5.15
N THR D 226 -14.94 -19.05 -5.81
CA THR D 226 -15.96 -20.12 -5.64
C THR D 226 -15.86 -20.75 -4.24
N PRO D 227 -14.68 -21.22 -3.78
CA PRO D 227 -14.56 -21.73 -2.42
C PRO D 227 -15.02 -20.78 -1.30
N ILE D 228 -14.76 -19.49 -1.41
CA ILE D 228 -15.14 -18.48 -0.38
C ILE D 228 -16.66 -18.26 -0.47
N ASP D 229 -17.20 -18.12 -1.69
CA ASP D 229 -18.68 -18.04 -1.89
C ASP D 229 -19.32 -19.29 -1.28
N THR D 230 -18.76 -20.49 -1.50
CA THR D 230 -19.32 -21.77 -0.98
C THR D 230 -19.27 -21.74 0.56
N PHE D 231 -18.16 -21.29 1.15
CA PHE D 231 -17.98 -21.21 2.62
C PHE D 231 -19.03 -20.28 3.26
N LEU D 232 -19.26 -19.11 2.64
CA LEU D 232 -20.30 -18.15 3.12
C LEU D 232 -21.70 -18.77 2.96
N MET D 233 -22.00 -19.40 1.83
CA MET D 233 -23.31 -20.05 1.56
C MET D 233 -23.60 -21.12 2.63
N GLU D 234 -22.59 -21.91 3.03
CA GLU D 234 -22.71 -22.96 4.07
C GLU D 234 -23.03 -22.28 5.41
N MET D 235 -22.32 -21.21 5.77
CA MET D 235 -22.58 -20.39 6.99
C MET D 235 -24.03 -19.87 6.98
N LEU D 236 -24.49 -19.40 5.82
CA LEU D 236 -25.81 -18.76 5.59
C LEU D 236 -26.91 -19.81 5.83
N GLU D 237 -26.61 -21.09 5.54
CA GLU D 237 -27.63 -22.17 5.45
C GLU D 237 -27.62 -22.97 6.78
N ALA D 238 -26.81 -22.58 7.76
CA ALA D 238 -26.96 -22.98 9.18
C ALA D 238 -28.31 -22.49 9.72
N PRO D 239 -28.87 -23.08 10.81
CA PRO D 239 -30.22 -22.77 11.25
C PRO D 239 -30.38 -21.36 11.82
#